data_1UJ0
# 
_entry.id   1UJ0 
# 
_audit_conform.dict_name       mmcif_pdbx.dic 
_audit_conform.dict_version    5.383 
_audit_conform.dict_location   http://mmcif.pdb.org/dictionaries/ascii/mmcif_pdbx.dic 
# 
loop_
_database_2.database_id 
_database_2.database_code 
_database_2.pdbx_database_accession 
_database_2.pdbx_DOI 
PDB   1UJ0         pdb_00001uj0 10.2210/pdb1uj0/pdb 
RCSB  RCSB005876   ?            ?                   
WWPDB D_1000005876 ?            ?                   
# 
loop_
_pdbx_audit_revision_history.ordinal 
_pdbx_audit_revision_history.data_content_type 
_pdbx_audit_revision_history.major_revision 
_pdbx_audit_revision_history.minor_revision 
_pdbx_audit_revision_history.revision_date 
1 'Structure model' 1 0 2003-12-23 
2 'Structure model' 1 1 2008-04-27 
3 'Structure model' 1 2 2011-07-13 
4 'Structure model' 1 3 2023-12-27 
# 
_pdbx_audit_revision_details.ordinal             1 
_pdbx_audit_revision_details.revision_ordinal    1 
_pdbx_audit_revision_details.data_content_type   'Structure model' 
_pdbx_audit_revision_details.provider            repository 
_pdbx_audit_revision_details.type                'Initial release' 
_pdbx_audit_revision_details.description         ? 
_pdbx_audit_revision_details.details             ? 
# 
loop_
_pdbx_audit_revision_group.ordinal 
_pdbx_audit_revision_group.revision_ordinal 
_pdbx_audit_revision_group.data_content_type 
_pdbx_audit_revision_group.group 
1 2 'Structure model' 'Version format compliance' 
2 3 'Structure model' 'Version format compliance' 
3 4 'Structure model' 'Data collection'           
4 4 'Structure model' 'Database references'       
5 4 'Structure model' 'Derived calculations'      
# 
loop_
_pdbx_audit_revision_category.ordinal 
_pdbx_audit_revision_category.revision_ordinal 
_pdbx_audit_revision_category.data_content_type 
_pdbx_audit_revision_category.category 
1 4 'Structure model' chem_comp_atom     
2 4 'Structure model' chem_comp_bond     
3 4 'Structure model' database_2         
4 4 'Structure model' struct_ref_seq_dif 
5 4 'Structure model' struct_site        
# 
loop_
_pdbx_audit_revision_item.ordinal 
_pdbx_audit_revision_item.revision_ordinal 
_pdbx_audit_revision_item.data_content_type 
_pdbx_audit_revision_item.item 
1 4 'Structure model' '_database_2.pdbx_DOI'                
2 4 'Structure model' '_database_2.pdbx_database_accession' 
3 4 'Structure model' '_struct_ref_seq_dif.details'         
4 4 'Structure model' '_struct_site.pdbx_auth_asym_id'      
5 4 'Structure model' '_struct_site.pdbx_auth_comp_id'      
6 4 'Structure model' '_struct_site.pdbx_auth_seq_id'       
# 
_pdbx_database_status.status_code                     REL 
_pdbx_database_status.entry_id                        1UJ0 
_pdbx_database_status.recvd_initial_deposition_date   2003-07-24 
_pdbx_database_status.deposit_site                    PDBJ 
_pdbx_database_status.process_site                    PDBJ 
_pdbx_database_status.status_code_sf                  REL 
_pdbx_database_status.SG_entry                        . 
_pdbx_database_status.pdb_format_compatible           Y 
_pdbx_database_status.status_code_mr                  ? 
_pdbx_database_status.status_code_cs                  ? 
_pdbx_database_status.status_code_nmr_data            ? 
_pdbx_database_status.methods_development_category    ? 
# 
loop_
_audit_author.name 
_audit_author.pdbx_ordinal 
'Kaneko, T.'   1 
'Kumasaka, T.' 2 
'Ganbe, T.'    3 
'Sato, T.'     4 
'Miyazawa, K.' 5 
'Kitamura, N.' 6 
'Tanaka, N.'   7 
# 
_citation.id                        primary 
_citation.title                     
'Structural insight into modest binding of a non-PXXP ligand to the signal transducing adaptor molecule-2 Src homology 3 domain.' 
_citation.journal_abbrev            J.Biol.Chem. 
_citation.journal_volume            278 
_citation.page_first                48162 
_citation.page_last                 48168 
_citation.year                      2003 
_citation.journal_id_ASTM           JBCHA3 
_citation.country                   US 
_citation.journal_id_ISSN           0021-9258 
_citation.journal_id_CSD            0071 
_citation.book_publisher            ? 
_citation.pdbx_database_id_PubMed   13129930 
_citation.pdbx_database_id_DOI      10.1074/jbc.M306677200 
# 
loop_
_citation_author.citation_id 
_citation_author.name 
_citation_author.ordinal 
_citation_author.identifier_ORCID 
primary 'Kaneko, T.'   1 ? 
primary 'Kumasaka, T.' 2 ? 
primary 'Ganbe, T.'    3 ? 
primary 'Sato, T.'     4 ? 
primary 'Miyazawa, K.' 5 ? 
primary 'Kitamura, N.' 6 ? 
primary 'Tanaka, N.'   7 ? 
# 
loop_
_entity.id 
_entity.type 
_entity.src_method 
_entity.pdbx_description 
_entity.formula_weight 
_entity.pdbx_number_of_molecules 
_entity.pdbx_ec 
_entity.pdbx_mutation 
_entity.pdbx_fragment 
_entity.details 
1 polymer     man 'signal transducing adaptor molecule (SH3 domain and ITAM motif) 2' 7059.673 1  ? ? 'RESIDUES 200-261' ? 
2 polymer     syn 'deubiquitinating enzyme UBPY'                                      1284.483 1  ? ? 'RESIDUES 699-709' ? 
3 non-polymer syn 'PHOSPHATE ION'                                                     94.971   1  ? ? ?                  ? 
4 water       nat water                                                               18.015   64 ? ? ?                  ? 
# 
loop_
_entity_name_com.entity_id 
_entity_name_com.name 
1 'STAM2 SH3 domain'     
2 'UBPY-derived peptide' 
# 
loop_
_entity_poly.entity_id 
_entity_poly.type 
_entity_poly.nstd_linkage 
_entity_poly.nstd_monomer 
_entity_poly.pdbx_seq_one_letter_code 
_entity_poly.pdbx_seq_one_letter_code_can 
_entity_poly.pdbx_strand_id 
_entity_poly.pdbx_target_identifier 
1 'polypeptide(L)' no no AGHMARRVRALYDFEAVEDNELTFKHGELITVLDDSDANWWQGENHRGTGLFPSNFVTTDLS 
AGHMARRVRALYDFEAVEDNELTFKHGELITVLDDSDANWWQGENHRGTGLFPSNFVTTDLS A ? 
2 'polypeptide(L)' no no TPMVNRENKPP                                                    TPMVNRENKPP B ? 
# 
loop_
_pdbx_entity_nonpoly.entity_id 
_pdbx_entity_nonpoly.name 
_pdbx_entity_nonpoly.comp_id 
3 'PHOSPHATE ION' PO4 
4 water           HOH 
# 
loop_
_entity_poly_seq.entity_id 
_entity_poly_seq.num 
_entity_poly_seq.mon_id 
_entity_poly_seq.hetero 
1 1  ALA n 
1 2  GLY n 
1 3  HIS n 
1 4  MET n 
1 5  ALA n 
1 6  ARG n 
1 7  ARG n 
1 8  VAL n 
1 9  ARG n 
1 10 ALA n 
1 11 LEU n 
1 12 TYR n 
1 13 ASP n 
1 14 PHE n 
1 15 GLU n 
1 16 ALA n 
1 17 VAL n 
1 18 GLU n 
1 19 ASP n 
1 20 ASN n 
1 21 GLU n 
1 22 LEU n 
1 23 THR n 
1 24 PHE n 
1 25 LYS n 
1 26 HIS n 
1 27 GLY n 
1 28 GLU n 
1 29 LEU n 
1 30 ILE n 
1 31 THR n 
1 32 VAL n 
1 33 LEU n 
1 34 ASP n 
1 35 ASP n 
1 36 SER n 
1 37 ASP n 
1 38 ALA n 
1 39 ASN n 
1 40 TRP n 
1 41 TRP n 
1 42 GLN n 
1 43 GLY n 
1 44 GLU n 
1 45 ASN n 
1 46 HIS n 
1 47 ARG n 
1 48 GLY n 
1 49 THR n 
1 50 GLY n 
1 51 LEU n 
1 52 PHE n 
1 53 PRO n 
1 54 SER n 
1 55 ASN n 
1 56 PHE n 
1 57 VAL n 
1 58 THR n 
1 59 THR n 
1 60 ASP n 
1 61 LEU n 
1 62 SER n 
2 1  THR n 
2 2  PRO n 
2 3  MET n 
2 4  VAL n 
2 5  ASN n 
2 6  ARG n 
2 7  GLU n 
2 8  ASN n 
2 9  LYS n 
2 10 PRO n 
2 11 PRO n 
# 
_entity_src_gen.entity_id                          1 
_entity_src_gen.pdbx_src_id                        1 
_entity_src_gen.pdbx_alt_source_flag               sample 
_entity_src_gen.pdbx_seq_type                      ? 
_entity_src_gen.pdbx_beg_seq_num                   ? 
_entity_src_gen.pdbx_end_seq_num                   ? 
_entity_src_gen.gene_src_common_name               'house mouse' 
_entity_src_gen.gene_src_genus                     Mus 
_entity_src_gen.pdbx_gene_src_gene                 ? 
_entity_src_gen.gene_src_species                   ? 
_entity_src_gen.gene_src_strain                    ? 
_entity_src_gen.gene_src_tissue                    ? 
_entity_src_gen.gene_src_tissue_fraction           ? 
_entity_src_gen.gene_src_details                   ? 
_entity_src_gen.pdbx_gene_src_fragment             ? 
_entity_src_gen.pdbx_gene_src_scientific_name      'Mus musculus' 
_entity_src_gen.pdbx_gene_src_ncbi_taxonomy_id     10090 
_entity_src_gen.pdbx_gene_src_variant              ? 
_entity_src_gen.pdbx_gene_src_cell_line            ? 
_entity_src_gen.pdbx_gene_src_atcc                 ? 
_entity_src_gen.pdbx_gene_src_organ                ? 
_entity_src_gen.pdbx_gene_src_organelle            ? 
_entity_src_gen.pdbx_gene_src_cell                 ? 
_entity_src_gen.pdbx_gene_src_cellular_location    ? 
_entity_src_gen.host_org_common_name               ? 
_entity_src_gen.pdbx_host_org_scientific_name      'Escherichia coli' 
_entity_src_gen.pdbx_host_org_ncbi_taxonomy_id     562 
_entity_src_gen.host_org_genus                     Escherichia 
_entity_src_gen.pdbx_host_org_gene                 ? 
_entity_src_gen.pdbx_host_org_organ                ? 
_entity_src_gen.host_org_species                   ? 
_entity_src_gen.pdbx_host_org_tissue               ? 
_entity_src_gen.pdbx_host_org_tissue_fraction      ? 
_entity_src_gen.pdbx_host_org_strain               ? 
_entity_src_gen.pdbx_host_org_variant              ? 
_entity_src_gen.pdbx_host_org_cell_line            ? 
_entity_src_gen.pdbx_host_org_atcc                 ? 
_entity_src_gen.pdbx_host_org_culture_collection   ? 
_entity_src_gen.pdbx_host_org_cell                 ? 
_entity_src_gen.pdbx_host_org_organelle            ? 
_entity_src_gen.pdbx_host_org_cellular_location    ? 
_entity_src_gen.pdbx_host_org_vector_type          plasmid 
_entity_src_gen.pdbx_host_org_vector               ? 
_entity_src_gen.host_org_details                   ? 
_entity_src_gen.expression_system_id               ? 
_entity_src_gen.plasmid_name                       pTYB12 
_entity_src_gen.plasmid_details                    ? 
_entity_src_gen.pdbx_description                   ? 
# 
_pdbx_entity_src_syn.entity_id              2 
_pdbx_entity_src_syn.pdbx_src_id            1 
_pdbx_entity_src_syn.pdbx_alt_source_flag   sample 
_pdbx_entity_src_syn.pdbx_beg_seq_num       ? 
_pdbx_entity_src_syn.pdbx_end_seq_num       ? 
_pdbx_entity_src_syn.organism_scientific    ? 
_pdbx_entity_src_syn.organism_common_name   ? 
_pdbx_entity_src_syn.ncbi_taxonomy_id       ? 
_pdbx_entity_src_syn.details                
'The peptide was chemically synthesized. The sequence of the peptide is naturally found in Mus musculus (mouse).' 
# 
loop_
_chem_comp.id 
_chem_comp.type 
_chem_comp.mon_nstd_flag 
_chem_comp.name 
_chem_comp.pdbx_synonyms 
_chem_comp.formula 
_chem_comp.formula_weight 
ALA 'L-peptide linking' y ALANINE         ? 'C3 H7 N O2'     89.093  
ARG 'L-peptide linking' y ARGININE        ? 'C6 H15 N4 O2 1' 175.209 
ASN 'L-peptide linking' y ASPARAGINE      ? 'C4 H8 N2 O3'    132.118 
ASP 'L-peptide linking' y 'ASPARTIC ACID' ? 'C4 H7 N O4'     133.103 
GLN 'L-peptide linking' y GLUTAMINE       ? 'C5 H10 N2 O3'   146.144 
GLU 'L-peptide linking' y 'GLUTAMIC ACID' ? 'C5 H9 N O4'     147.129 
GLY 'peptide linking'   y GLYCINE         ? 'C2 H5 N O2'     75.067  
HIS 'L-peptide linking' y HISTIDINE       ? 'C6 H10 N3 O2 1' 156.162 
HOH non-polymer         . WATER           ? 'H2 O'           18.015  
ILE 'L-peptide linking' y ISOLEUCINE      ? 'C6 H13 N O2'    131.173 
LEU 'L-peptide linking' y LEUCINE         ? 'C6 H13 N O2'    131.173 
LYS 'L-peptide linking' y LYSINE          ? 'C6 H15 N2 O2 1' 147.195 
MET 'L-peptide linking' y METHIONINE      ? 'C5 H11 N O2 S'  149.211 
PHE 'L-peptide linking' y PHENYLALANINE   ? 'C9 H11 N O2'    165.189 
PO4 non-polymer         . 'PHOSPHATE ION' ? 'O4 P -3'        94.971  
PRO 'L-peptide linking' y PROLINE         ? 'C5 H9 N O2'     115.130 
SER 'L-peptide linking' y SERINE          ? 'C3 H7 N O3'     105.093 
THR 'L-peptide linking' y THREONINE       ? 'C4 H9 N O3'     119.119 
TRP 'L-peptide linking' y TRYPTOPHAN      ? 'C11 H12 N2 O2'  204.225 
TYR 'L-peptide linking' y TYROSINE        ? 'C9 H11 N O3'    181.189 
VAL 'L-peptide linking' y VALINE          ? 'C5 H11 N O2'    117.146 
# 
loop_
_pdbx_poly_seq_scheme.asym_id 
_pdbx_poly_seq_scheme.entity_id 
_pdbx_poly_seq_scheme.seq_id 
_pdbx_poly_seq_scheme.mon_id 
_pdbx_poly_seq_scheme.ndb_seq_num 
_pdbx_poly_seq_scheme.pdb_seq_num 
_pdbx_poly_seq_scheme.auth_seq_num 
_pdbx_poly_seq_scheme.pdb_mon_id 
_pdbx_poly_seq_scheme.auth_mon_id 
_pdbx_poly_seq_scheme.pdb_strand_id 
_pdbx_poly_seq_scheme.pdb_ins_code 
_pdbx_poly_seq_scheme.hetero 
A 1 1  ALA 1  200 ?   ?   ?   A . n 
A 1 2  GLY 2  201 ?   ?   ?   A . n 
A 1 3  HIS 3  202 ?   ?   ?   A . n 
A 1 4  MET 4  203 203 MET MET A . n 
A 1 5  ALA 5  204 204 ALA ALA A . n 
A 1 6  ARG 6  205 205 ARG ARG A . n 
A 1 7  ARG 7  206 206 ARG ARG A . n 
A 1 8  VAL 8  207 207 VAL VAL A . n 
A 1 9  ARG 9  208 208 ARG ARG A . n 
A 1 10 ALA 10 209 209 ALA ALA A . n 
A 1 11 LEU 11 210 210 LEU LEU A . n 
A 1 12 TYR 12 211 211 TYR TYR A . n 
A 1 13 ASP 13 212 212 ASP ASP A . n 
A 1 14 PHE 14 213 213 PHE PHE A . n 
A 1 15 GLU 15 214 214 GLU GLU A . n 
A 1 16 ALA 16 215 215 ALA ALA A . n 
A 1 17 VAL 17 216 216 VAL VAL A . n 
A 1 18 GLU 18 217 217 GLU GLU A . n 
A 1 19 ASP 19 218 218 ASP ALA A . n 
A 1 20 ASN 20 219 219 ASN ASN A . n 
A 1 21 GLU 21 220 220 GLU GLU A . n 
A 1 22 LEU 22 221 221 LEU LEU A . n 
A 1 23 THR 23 222 222 THR THR A . n 
A 1 24 PHE 24 223 223 PHE PHE A . n 
A 1 25 LYS 25 224 224 LYS LYS A . n 
A 1 26 HIS 26 225 225 HIS HIS A . n 
A 1 27 GLY 27 226 226 GLY GLY A . n 
A 1 28 GLU 28 227 227 GLU GLU A . n 
A 1 29 LEU 29 228 228 LEU LEU A . n 
A 1 30 ILE 30 229 229 ILE ILE A . n 
A 1 31 THR 31 230 230 THR THR A . n 
A 1 32 VAL 32 231 231 VAL VAL A . n 
A 1 33 LEU 33 232 232 LEU LEU A . n 
A 1 34 ASP 34 233 233 ASP ASP A . n 
A 1 35 ASP 35 234 234 ASP ASP A . n 
A 1 36 SER 36 235 235 SER SER A . n 
A 1 37 ASP 37 236 236 ASP ASP A . n 
A 1 38 ALA 38 237 237 ALA ALA A . n 
A 1 39 ASN 39 238 238 ASN ASN A . n 
A 1 40 TRP 40 239 239 TRP TRP A . n 
A 1 41 TRP 41 240 240 TRP TRP A . n 
A 1 42 GLN 42 241 241 GLN GLN A . n 
A 1 43 GLY 43 242 242 GLY GLY A . n 
A 1 44 GLU 44 243 243 GLU GLU A . n 
A 1 45 ASN 45 244 244 ASN ASN A . n 
A 1 46 HIS 46 245 245 HIS HIS A . n 
A 1 47 ARG 47 246 246 ARG ARG A . n 
A 1 48 GLY 48 247 247 GLY GLY A . n 
A 1 49 THR 49 248 248 THR THR A . n 
A 1 50 GLY 50 249 249 GLY GLY A . n 
A 1 51 LEU 51 250 250 LEU LEU A . n 
A 1 52 PHE 52 251 251 PHE PHE A . n 
A 1 53 PRO 53 252 252 PRO PRO A . n 
A 1 54 SER 54 253 253 SER SER A . n 
A 1 55 ASN 55 254 254 ASN ASN A . n 
A 1 56 PHE 56 255 255 PHE PHE A . n 
A 1 57 VAL 57 256 256 VAL VAL A . n 
A 1 58 THR 58 257 257 THR THR A . n 
A 1 59 THR 59 258 258 THR THR A . n 
A 1 60 ASP 60 259 259 ASP ASP A . n 
A 1 61 LEU 61 260 260 LEU LEU A . n 
A 1 62 SER 62 261 ?   ?   ?   A . n 
B 2 1  THR 1  699 699 THR THR B . n 
B 2 2  PRO 2  700 700 PRO PRO B . n 
B 2 3  MET 3  701 701 MET MET B . n 
B 2 4  VAL 4  702 702 VAL VAL B . n 
B 2 5  ASN 5  703 703 ASN ASN B . n 
B 2 6  ARG 6  704 704 ARG ARG B . n 
B 2 7  GLU 7  705 705 GLU GLU B . n 
B 2 8  ASN 8  706 706 ASN ASN B . n 
B 2 9  LYS 9  707 707 LYS LYS B . n 
B 2 10 PRO 10 708 ?   ?   ?   B . n 
B 2 11 PRO 11 709 ?   ?   ?   B . n 
# 
loop_
_pdbx_nonpoly_scheme.asym_id 
_pdbx_nonpoly_scheme.entity_id 
_pdbx_nonpoly_scheme.mon_id 
_pdbx_nonpoly_scheme.ndb_seq_num 
_pdbx_nonpoly_scheme.pdb_seq_num 
_pdbx_nonpoly_scheme.auth_seq_num 
_pdbx_nonpoly_scheme.pdb_mon_id 
_pdbx_nonpoly_scheme.auth_mon_id 
_pdbx_nonpoly_scheme.pdb_strand_id 
_pdbx_nonpoly_scheme.pdb_ins_code 
C 3 PO4 1  101 1  PO4 PO4 A . 
D 4 HOH 1  1   1  HOH HOH A . 
D 4 HOH 2  3   3  HOH HOH A . 
D 4 HOH 3  4   4  HOH HOH A . 
D 4 HOH 4  5   5  HOH HOH A . 
D 4 HOH 5  8   8  HOH HOH A . 
D 4 HOH 6  9   9  HOH HOH A . 
D 4 HOH 7  10  10 HOH HOH A . 
D 4 HOH 8  11  11 HOH HOH A . 
D 4 HOH 9  12  12 HOH HOH A . 
D 4 HOH 10 13  13 HOH HOH A . 
D 4 HOH 11 14  14 HOH HOH A . 
D 4 HOH 12 15  15 HOH HOH A . 
D 4 HOH 13 16  16 HOH HOH A . 
D 4 HOH 14 17  17 HOH HOH A . 
D 4 HOH 15 18  18 HOH HOH A . 
D 4 HOH 16 19  19 HOH HOH A . 
D 4 HOH 17 20  20 HOH HOH A . 
D 4 HOH 18 21  21 HOH HOH A . 
D 4 HOH 19 22  22 HOH HOH A . 
D 4 HOH 20 23  23 HOH HOH A . 
D 4 HOH 21 24  24 HOH HOH A . 
D 4 HOH 22 25  25 HOH HOH A . 
D 4 HOH 23 26  26 HOH HOH A . 
D 4 HOH 24 27  27 HOH HOH A . 
D 4 HOH 25 28  28 HOH HOH A . 
D 4 HOH 26 29  29 HOH HOH A . 
D 4 HOH 27 31  31 HOH HOH A . 
D 4 HOH 28 32  32 HOH HOH A . 
D 4 HOH 29 33  33 HOH HOH A . 
D 4 HOH 30 34  34 HOH HOH A . 
D 4 HOH 31 35  35 HOH HOH A . 
D 4 HOH 32 36  36 HOH HOH A . 
D 4 HOH 33 38  38 HOH HOH A . 
D 4 HOH 34 39  39 HOH HOH A . 
D 4 HOH 35 40  40 HOH HOH A . 
D 4 HOH 36 41  41 HOH HOH A . 
D 4 HOH 37 42  42 HOH HOH A . 
D 4 HOH 38 44  44 HOH HOH A . 
D 4 HOH 39 45  45 HOH HOH A . 
D 4 HOH 40 47  47 HOH HOH A . 
D 4 HOH 41 48  48 HOH HOH A . 
D 4 HOH 42 49  49 HOH HOH A . 
D 4 HOH 43 50  50 HOH HOH A . 
D 4 HOH 44 51  51 HOH HOH A . 
D 4 HOH 45 52  52 HOH HOH A . 
D 4 HOH 46 53  53 HOH HOH A . 
D 4 HOH 47 54  54 HOH HOH A . 
D 4 HOH 48 55  55 HOH HOH A . 
D 4 HOH 49 56  56 HOH HOH A . 
D 4 HOH 50 57  57 HOH HOH A . 
D 4 HOH 51 58  58 HOH HOH A . 
D 4 HOH 52 59  59 HOH HOH A . 
D 4 HOH 53 60  60 HOH HOH A . 
D 4 HOH 54 61  61 HOH HOH A . 
D 4 HOH 55 62  62 HOH HOH A . 
D 4 HOH 56 63  63 HOH HOH A . 
D 4 HOH 57 64  64 HOH HOH A . 
E 4 HOH 1  2   2  HOH HOH B . 
E 4 HOH 2  6   6  HOH HOH B . 
E 4 HOH 3  7   7  HOH HOH B . 
E 4 HOH 4  30  30 HOH HOH B . 
E 4 HOH 5  37  37 HOH HOH B . 
E 4 HOH 6  43  43 HOH HOH B . 
E 4 HOH 7  46  46 HOH HOH B . 
# 
loop_
_pdbx_unobs_or_zero_occ_atoms.id 
_pdbx_unobs_or_zero_occ_atoms.PDB_model_num 
_pdbx_unobs_or_zero_occ_atoms.polymer_flag 
_pdbx_unobs_or_zero_occ_atoms.occupancy_flag 
_pdbx_unobs_or_zero_occ_atoms.auth_asym_id 
_pdbx_unobs_or_zero_occ_atoms.auth_comp_id 
_pdbx_unobs_or_zero_occ_atoms.auth_seq_id 
_pdbx_unobs_or_zero_occ_atoms.PDB_ins_code 
_pdbx_unobs_or_zero_occ_atoms.auth_atom_id 
_pdbx_unobs_or_zero_occ_atoms.label_alt_id 
_pdbx_unobs_or_zero_occ_atoms.label_asym_id 
_pdbx_unobs_or_zero_occ_atoms.label_comp_id 
_pdbx_unobs_or_zero_occ_atoms.label_seq_id 
_pdbx_unobs_or_zero_occ_atoms.label_atom_id 
1 1 Y 1 A ASP 218 ? CG  ? A ASP 19 CG  
2 1 Y 1 A ASP 218 ? OD1 ? A ASP 19 OD1 
3 1 Y 1 A ASP 218 ? OD2 ? A ASP 19 OD2 
# 
loop_
_software.name 
_software.classification 
_software.version 
_software.citation_id 
_software.pdbx_ordinal 
REFMAC refinement       5.1.24    ? 1 
MOSFLM 'data reduction' .         ? 2 
CCP4   'data scaling'   '(SCALA)' ? 3 
EPMR   phasing          .         ? 4 
# 
_cell.entry_id           1UJ0 
_cell.length_a           48.454 
_cell.length_b           48.454 
_cell.length_c           58.582 
_cell.angle_alpha        90.00 
_cell.angle_beta         90.00 
_cell.angle_gamma        120.00 
_cell.Z_PDB              6 
_cell.pdbx_unique_axis   ? 
# 
_symmetry.entry_id                         1UJ0 
_symmetry.space_group_name_H-M             'P 61' 
_symmetry.pdbx_full_space_group_name_H-M   ? 
_symmetry.cell_setting                     ? 
_symmetry.Int_Tables_number                169 
# 
_exptl.entry_id          1UJ0 
_exptl.method            'X-RAY DIFFRACTION' 
_exptl.crystals_number   1 
# 
_exptl_crystal.id                    1 
_exptl_crystal.density_meas          ? 
_exptl_crystal.density_Matthews      2.29 
_exptl_crystal.density_percent_sol   45.97 
_exptl_crystal.description           ? 
# 
_exptl_crystal_grow.crystal_id      1 
_exptl_crystal_grow.method          'VAPOR DIFFUSION, HANGING DROP' 
_exptl_crystal_grow.temp            277 
_exptl_crystal_grow.temp_details    ? 
_exptl_crystal_grow.pH              ? 
_exptl_crystal_grow.pdbx_details    
'0.08M Sodium Phosphate monobasic, 1.92M Potassium phosphate dibasic, VAPOR DIFFUSION, HANGING DROP, temperature 277K' 
_exptl_crystal_grow.pdbx_pH_range   ? 
# 
_diffrn.id                     1 
_diffrn.ambient_temp           100 
_diffrn.ambient_temp_details   ? 
_diffrn.crystal_id             1 
# 
_diffrn_detector.diffrn_id              1 
_diffrn_detector.detector               'IMAGE PLATE' 
_diffrn_detector.type                   RIGAKU 
_diffrn_detector.pdbx_collection_date   2002-10-02 
_diffrn_detector.details                ? 
# 
_diffrn_radiation.diffrn_id                        1 
_diffrn_radiation.wavelength_id                    1 
_diffrn_radiation.pdbx_monochromatic_or_laue_m_l   M 
_diffrn_radiation.monochromator                    SI 
_diffrn_radiation.pdbx_diffrn_protocol             'SINGLE WAVELENGTH' 
_diffrn_radiation.pdbx_scattering_type             x-ray 
# 
_diffrn_radiation_wavelength.id           1 
_diffrn_radiation_wavelength.wavelength   1.00 
_diffrn_radiation_wavelength.wt           1.0 
# 
_diffrn_source.diffrn_id                   1 
_diffrn_source.source                      SYNCHROTRON 
_diffrn_source.type                        'SPRING-8 BEAMLINE BL26B1' 
_diffrn_source.pdbx_synchrotron_site       SPring-8 
_diffrn_source.pdbx_synchrotron_beamline   BL26B1 
_diffrn_source.pdbx_wavelength             ? 
_diffrn_source.pdbx_wavelength_list        1.00 
# 
_reflns.entry_id                     1UJ0 
_reflns.observed_criterion_sigma_F   ? 
_reflns.observed_criterion_sigma_I   6 
_reflns.d_resolution_high            1.7 
_reflns.d_resolution_low             34.1 
_reflns.number_all                   ? 
_reflns.number_obs                   8501 
_reflns.percent_possible_obs         97.9 
_reflns.pdbx_Rmerge_I_obs            ? 
_reflns.pdbx_Rsym_value              ? 
_reflns.pdbx_netI_over_sigmaI        ? 
_reflns.B_iso_Wilson_estimate        ? 
_reflns.pdbx_redundancy              ? 
_reflns.R_free_details               ? 
_reflns.limit_h_max                  ? 
_reflns.limit_h_min                  ? 
_reflns.limit_k_max                  ? 
_reflns.limit_k_min                  ? 
_reflns.limit_l_max                  ? 
_reflns.limit_l_min                  ? 
_reflns.observed_criterion_F_max     ? 
_reflns.observed_criterion_F_min     ? 
_reflns.pdbx_diffrn_id               1 
_reflns.pdbx_ordinal                 1 
# 
_reflns_shell.d_res_high             1.70 
_reflns_shell.d_res_low              1.79 
_reflns_shell.percent_possible_all   96.8 
_reflns_shell.Rmerge_I_obs           ? 
_reflns_shell.pdbx_Rsym_value        ? 
_reflns_shell.meanI_over_sigI_obs    ? 
_reflns_shell.pdbx_redundancy        ? 
_reflns_shell.percent_possible_obs   ? 
_reflns_shell.number_unique_all      ? 
_reflns_shell.pdbx_diffrn_id         ? 
_reflns_shell.pdbx_ordinal           1 
# 
_refine.entry_id                                 1UJ0 
_refine.ls_number_reflns_obs                     7602 
_refine.ls_number_reflns_all                     8500 
_refine.pdbx_ls_sigma_I                          ? 
_refine.pdbx_ls_sigma_F                          0 
_refine.pdbx_data_cutoff_high_absF               ? 
_refine.pdbx_data_cutoff_low_absF                ? 
_refine.pdbx_data_cutoff_high_rms_absF           ? 
_refine.ls_d_res_low                             34.11 
_refine.ls_d_res_high                            1.70 
_refine.ls_percent_reflns_obs                    97.62 
_refine.ls_R_factor_obs                          0.2163 
_refine.ls_R_factor_all                          0.2163 
_refine.ls_R_factor_R_work                       0.21458 
_refine.ls_R_factor_R_free                       0.22966 
_refine.ls_R_factor_R_free_error                 ? 
_refine.ls_R_factor_R_free_error_details         ? 
_refine.ls_percent_reflns_R_free                 10.6 
_refine.ls_number_reflns_R_free                  898 
_refine.ls_number_parameters                     ? 
_refine.ls_number_restraints                     ? 
_refine.occupancy_min                            ? 
_refine.occupancy_max                            ? 
_refine.correlation_coeff_Fo_to_Fc               0.933 
_refine.correlation_coeff_Fo_to_Fc_free          0.932 
_refine.B_iso_mean                               25.802 
_refine.aniso_B[1][1]                            0.58 
_refine.aniso_B[2][2]                            0.58 
_refine.aniso_B[3][3]                            -0.87 
_refine.aniso_B[1][2]                            0.29 
_refine.aniso_B[1][3]                            0.00 
_refine.aniso_B[2][3]                            0.00 
_refine.solvent_model_details                    'BABINET MODEL WITH MASK' 
_refine.solvent_model_param_ksol                 ? 
_refine.solvent_model_param_bsol                 ? 
_refine.pdbx_solvent_vdw_probe_radii             1.40 
_refine.pdbx_solvent_ion_probe_radii             0.80 
_refine.pdbx_solvent_shrinkage_radii             0.80 
_refine.pdbx_ls_cross_valid_method               THROUGHOUT 
_refine.details                                  ? 
_refine.pdbx_starting_model                      ? 
_refine.pdbx_method_to_determine_struct          'MOLECULAR REPLACEMENT' 
_refine.pdbx_isotropic_thermal_model             ? 
_refine.pdbx_stereochemistry_target_values       'MAXIMUM LIKELIHOOD' 
_refine.pdbx_stereochem_target_val_spec_case     ? 
_refine.pdbx_R_Free_selection_details            RANDOM 
_refine.pdbx_overall_ESU_R                       0.133 
_refine.pdbx_overall_ESU_R_Free                  0.116 
_refine.overall_SU_ML                            0.083 
_refine.overall_SU_B                             2.525 
_refine.ls_redundancy_reflns_obs                 ? 
_refine.B_iso_min                                ? 
_refine.B_iso_max                                ? 
_refine.overall_SU_R_Cruickshank_DPI             ? 
_refine.overall_SU_R_free                        ? 
_refine.pdbx_refine_id                           'X-RAY DIFFRACTION' 
_refine.pdbx_diffrn_id                           1 
_refine.pdbx_TLS_residual_ADP_flag               ? 
_refine.pdbx_overall_phase_error                 ? 
_refine.pdbx_overall_SU_R_free_Cruickshank_DPI   ? 
_refine.pdbx_overall_SU_R_Blow_DPI               ? 
_refine.pdbx_overall_SU_R_free_Blow_DPI          ? 
# 
_refine_hist.pdbx_refine_id                   'X-RAY DIFFRACTION' 
_refine_hist.cycle_id                         LAST 
_refine_hist.pdbx_number_atoms_protein        548 
_refine_hist.pdbx_number_atoms_nucleic_acid   0 
_refine_hist.pdbx_number_atoms_ligand         5 
_refine_hist.number_atoms_solvent             64 
_refine_hist.number_atoms_total               617 
_refine_hist.d_res_high                       1.70 
_refine_hist.d_res_low                        34.11 
# 
loop_
_refine_ls_restr.type 
_refine_ls_restr.dev_ideal 
_refine_ls_restr.dev_ideal_target 
_refine_ls_restr.weight 
_refine_ls_restr.number 
_refine_ls_restr.pdbx_refine_id 
_refine_ls_restr.pdbx_restraint_function 
r_bond_refined_d         0.021 0.021 ? 565 'X-RAY DIFFRACTION' ? 
r_bond_other_d           ?     ?     ? ?   'X-RAY DIFFRACTION' ? 
r_angle_refined_deg      1.673 1.924 ? 764 'X-RAY DIFFRACTION' ? 
r_angle_other_deg        ?     ?     ? ?   'X-RAY DIFFRACTION' ? 
r_dihedral_angle_1_deg   5.230 5.000 ? 65  'X-RAY DIFFRACTION' ? 
r_dihedral_angle_2_deg   ?     ?     ? ?   'X-RAY DIFFRACTION' ? 
r_dihedral_angle_3_deg   ?     ?     ? ?   'X-RAY DIFFRACTION' ? 
r_dihedral_angle_4_deg   ?     ?     ? ?   'X-RAY DIFFRACTION' ? 
r_chiral_restr           0.113 0.200 ? 81  'X-RAY DIFFRACTION' ? 
r_gen_planes_refined     0.009 0.020 ? 445 'X-RAY DIFFRACTION' ? 
r_gen_planes_other       ?     ?     ? ?   'X-RAY DIFFRACTION' ? 
r_nbd_refined            0.220 0.200 ? 245 'X-RAY DIFFRACTION' ? 
r_nbd_other              ?     ?     ? ?   'X-RAY DIFFRACTION' ? 
r_nbtor_refined          ?     ?     ? ?   'X-RAY DIFFRACTION' ? 
r_nbtor_other            ?     ?     ? ?   'X-RAY DIFFRACTION' ? 
r_xyhbond_nbd_refined    0.215 0.200 ? 52  'X-RAY DIFFRACTION' ? 
r_xyhbond_nbd_other      ?     ?     ? ?   'X-RAY DIFFRACTION' ? 
r_metal_ion_refined      ?     ?     ? ?   'X-RAY DIFFRACTION' ? 
r_metal_ion_other        ?     ?     ? ?   'X-RAY DIFFRACTION' ? 
r_symmetry_vdw_refined   0.270 0.200 ? 29  'X-RAY DIFFRACTION' ? 
r_symmetry_vdw_other     ?     ?     ? ?   'X-RAY DIFFRACTION' ? 
r_symmetry_hbond_refined 0.235 0.200 ? 8   'X-RAY DIFFRACTION' ? 
r_symmetry_hbond_other   ?     ?     ? ?   'X-RAY DIFFRACTION' ? 
r_mcbond_it              1.458 1.500 ? 333 'X-RAY DIFFRACTION' ? 
r_mcangle_it             2.580 2.000 ? 534 'X-RAY DIFFRACTION' ? 
r_scbond_it              3.383 3.000 ? 232 'X-RAY DIFFRACTION' ? 
r_scangle_it             5.352 4.500 ? 230 'X-RAY DIFFRACTION' ? 
r_rigid_bond_restr       ?     ?     ? ?   'X-RAY DIFFRACTION' ? 
r_sphericity_free        ?     ?     ? ?   'X-RAY DIFFRACTION' ? 
r_sphericity_bonded      ?     ?     ? ?   'X-RAY DIFFRACTION' ? 
# 
_refine_ls_shell.pdbx_total_number_of_bins_used   20 
_refine_ls_shell.d_res_high                       1.698 
_refine_ls_shell.d_res_low                        1.742 
_refine_ls_shell.number_reflns_R_work             561 
_refine_ls_shell.R_factor_R_work                  0.301 
_refine_ls_shell.percent_reflns_obs               ? 
_refine_ls_shell.R_factor_R_free                  0.324 
_refine_ls_shell.R_factor_R_free_error            ? 
_refine_ls_shell.percent_reflns_R_free            ? 
_refine_ls_shell.number_reflns_R_free             57 
_refine_ls_shell.number_reflns_obs                ? 
_refine_ls_shell.redundancy_reflns_obs            ? 
_refine_ls_shell.number_reflns_all                ? 
_refine_ls_shell.pdbx_refine_id                   'X-RAY DIFFRACTION' 
_refine_ls_shell.R_factor_all                     ? 
# 
_struct.entry_id                  1UJ0 
_struct.title                     'Crystal Structure of STAM2 SH3 domain in complex with a UBPY-derived peptide' 
_struct.pdbx_model_details        ? 
_struct.pdbx_CASP_flag            ? 
_struct.pdbx_model_type_details   ? 
# 
_struct_keywords.entry_id        1UJ0 
_struct_keywords.pdbx_keywords   'SIGNALING PROTEIN/SIGNALING PROTEIN' 
_struct_keywords.text            
'STAM, SH3, deubiquitinating enzyme, Grb2, Gads, PXXP, Hrs, endocytosis, early endosome, SIGNALING PROTEIN-SIGNALING PROTEIN COMPLEX' 
# 
loop_
_struct_asym.id 
_struct_asym.pdbx_blank_PDB_chainid_flag 
_struct_asym.pdbx_modified 
_struct_asym.entity_id 
_struct_asym.details 
A N N 1 ? 
B N N 2 ? 
C N N 3 ? 
D N N 4 ? 
E N N 4 ? 
# 
loop_
_struct_ref.id 
_struct_ref.db_name 
_struct_ref.db_code 
_struct_ref.entity_id 
_struct_ref.pdbx_seq_one_letter_code 
_struct_ref.pdbx_align_begin 
_struct_ref.pdbx_db_accession 
_struct_ref.pdbx_db_isoform 
1 UNP STAM2_MOUSE 1 ARRVRALYDFEAVEDNELTFKHGELITVLDDSDANWWQGENHRGTGLFPSNFVTTDLS 204 O88811   ? 
2 GB  BAB18534    2 TPMVNRENKPP                                                699 11414862 ? 
# 
loop_
_struct_ref_seq.align_id 
_struct_ref_seq.ref_id 
_struct_ref_seq.pdbx_PDB_id_code 
_struct_ref_seq.pdbx_strand_id 
_struct_ref_seq.seq_align_beg 
_struct_ref_seq.pdbx_seq_align_beg_ins_code 
_struct_ref_seq.seq_align_end 
_struct_ref_seq.pdbx_seq_align_end_ins_code 
_struct_ref_seq.pdbx_db_accession 
_struct_ref_seq.db_align_beg 
_struct_ref_seq.pdbx_db_align_beg_ins_code 
_struct_ref_seq.db_align_end 
_struct_ref_seq.pdbx_db_align_end_ins_code 
_struct_ref_seq.pdbx_auth_seq_align_beg 
_struct_ref_seq.pdbx_auth_seq_align_end 
1 1 1UJ0 A 5 ? 62 ? O88811   204 ? 261 ? 204 261 
2 2 1UJ0 B 1 ? 11 ? 11414862 699 ? 709 ? 699 709 
# 
loop_
_struct_ref_seq_dif.align_id 
_struct_ref_seq_dif.pdbx_pdb_id_code 
_struct_ref_seq_dif.mon_id 
_struct_ref_seq_dif.pdbx_pdb_strand_id 
_struct_ref_seq_dif.seq_num 
_struct_ref_seq_dif.pdbx_pdb_ins_code 
_struct_ref_seq_dif.pdbx_seq_db_name 
_struct_ref_seq_dif.pdbx_seq_db_accession_code 
_struct_ref_seq_dif.db_mon_id 
_struct_ref_seq_dif.pdbx_seq_db_seq_num 
_struct_ref_seq_dif.details 
_struct_ref_seq_dif.pdbx_auth_seq_num 
_struct_ref_seq_dif.pdbx_ordinal 
1 1UJ0 ALA A 1 ? UNP O88811 ? ? 'cloning artifact' 200 1 
1 1UJ0 GLY A 2 ? UNP O88811 ? ? 'cloning artifact' 201 2 
1 1UJ0 HIS A 3 ? UNP O88811 ? ? 'cloning artifact' 202 3 
1 1UJ0 MET A 4 ? UNP O88811 ? ? 'cloning artifact' 203 4 
# 
_pdbx_struct_assembly.id                   1 
_pdbx_struct_assembly.details              author_and_software_defined_assembly 
_pdbx_struct_assembly.method_details       PISA 
_pdbx_struct_assembly.oligomeric_details   dimeric 
_pdbx_struct_assembly.oligomeric_count     2 
# 
loop_
_pdbx_struct_assembly_prop.biol_id 
_pdbx_struct_assembly_prop.type 
_pdbx_struct_assembly_prop.value 
_pdbx_struct_assembly_prop.details 
1 'ABSA (A^2)' 1000 ? 
1 MORE         -8   ? 
1 'SSA (A^2)'  4240 ? 
# 
_pdbx_struct_assembly_gen.assembly_id       1 
_pdbx_struct_assembly_gen.oper_expression   1 
_pdbx_struct_assembly_gen.asym_id_list      A,B,C,D,E 
# 
_pdbx_struct_oper_list.id                   1 
_pdbx_struct_oper_list.type                 'identity operation' 
_pdbx_struct_oper_list.name                 1_555 
_pdbx_struct_oper_list.symmetry_operation   x,y,z 
_pdbx_struct_oper_list.matrix[1][1]         1.0000000000 
_pdbx_struct_oper_list.matrix[1][2]         0.0000000000 
_pdbx_struct_oper_list.matrix[1][3]         0.0000000000 
_pdbx_struct_oper_list.vector[1]            0.0000000000 
_pdbx_struct_oper_list.matrix[2][1]         0.0000000000 
_pdbx_struct_oper_list.matrix[2][2]         1.0000000000 
_pdbx_struct_oper_list.matrix[2][3]         0.0000000000 
_pdbx_struct_oper_list.vector[2]            0.0000000000 
_pdbx_struct_oper_list.matrix[3][1]         0.0000000000 
_pdbx_struct_oper_list.matrix[3][2]         0.0000000000 
_pdbx_struct_oper_list.matrix[3][3]         1.0000000000 
_pdbx_struct_oper_list.vector[3]            0.0000000000 
# 
_struct_biol.id                    1 
_struct_biol.pdbx_parent_biol_id   ? 
_struct_biol.details               ? 
# 
_struct_conf.conf_type_id            HELX_P 
_struct_conf.id                      HELX_P1 
_struct_conf.pdbx_PDB_helix_id       1 
_struct_conf.beg_label_comp_id       ASN 
_struct_conf.beg_label_asym_id       B 
_struct_conf.beg_label_seq_id        5 
_struct_conf.pdbx_beg_PDB_ins_code   ? 
_struct_conf.end_label_comp_id       LYS 
_struct_conf.end_label_asym_id       B 
_struct_conf.end_label_seq_id        9 
_struct_conf.pdbx_end_PDB_ins_code   ? 
_struct_conf.beg_auth_comp_id        ASN 
_struct_conf.beg_auth_asym_id        B 
_struct_conf.beg_auth_seq_id         703 
_struct_conf.end_auth_comp_id        LYS 
_struct_conf.end_auth_asym_id        B 
_struct_conf.end_auth_seq_id         707 
_struct_conf.pdbx_PDB_helix_class    5 
_struct_conf.details                 ? 
_struct_conf.pdbx_PDB_helix_length   5 
# 
_struct_conf_type.id          HELX_P 
_struct_conf_type.criteria    ? 
_struct_conf_type.reference   ? 
# 
_struct_sheet.id               A 
_struct_sheet.type             ? 
_struct_sheet.number_strands   5 
_struct_sheet.details          ? 
# 
loop_
_struct_sheet_order.sheet_id 
_struct_sheet_order.range_id_1 
_struct_sheet_order.range_id_2 
_struct_sheet_order.offset 
_struct_sheet_order.sense 
A 1 2 ? anti-parallel 
A 2 3 ? anti-parallel 
A 3 4 ? anti-parallel 
A 4 5 ? anti-parallel 
# 
loop_
_struct_sheet_range.sheet_id 
_struct_sheet_range.id 
_struct_sheet_range.beg_label_comp_id 
_struct_sheet_range.beg_label_asym_id 
_struct_sheet_range.beg_label_seq_id 
_struct_sheet_range.pdbx_beg_PDB_ins_code 
_struct_sheet_range.end_label_comp_id 
_struct_sheet_range.end_label_asym_id 
_struct_sheet_range.end_label_seq_id 
_struct_sheet_range.pdbx_end_PDB_ins_code 
_struct_sheet_range.beg_auth_comp_id 
_struct_sheet_range.beg_auth_asym_id 
_struct_sheet_range.beg_auth_seq_id 
_struct_sheet_range.end_auth_comp_id 
_struct_sheet_range.end_auth_asym_id 
_struct_sheet_range.end_auth_seq_id 
A 1 GLY A 48 ? PRO A 53 ? GLY A 247 PRO A 252 
A 2 TRP A 40 ? ASN A 45 ? TRP A 239 ASN A 244 
A 3 LEU A 29 ? ASP A 34 ? LEU A 228 ASP A 233 
A 4 ARG A 6  ? ALA A 10 ? ARG A 205 ALA A 209 
A 5 VAL A 57 ? THR A 58 ? VAL A 256 THR A 257 
# 
loop_
_pdbx_struct_sheet_hbond.sheet_id 
_pdbx_struct_sheet_hbond.range_id_1 
_pdbx_struct_sheet_hbond.range_id_2 
_pdbx_struct_sheet_hbond.range_1_label_atom_id 
_pdbx_struct_sheet_hbond.range_1_label_comp_id 
_pdbx_struct_sheet_hbond.range_1_label_asym_id 
_pdbx_struct_sheet_hbond.range_1_label_seq_id 
_pdbx_struct_sheet_hbond.range_1_PDB_ins_code 
_pdbx_struct_sheet_hbond.range_1_auth_atom_id 
_pdbx_struct_sheet_hbond.range_1_auth_comp_id 
_pdbx_struct_sheet_hbond.range_1_auth_asym_id 
_pdbx_struct_sheet_hbond.range_1_auth_seq_id 
_pdbx_struct_sheet_hbond.range_2_label_atom_id 
_pdbx_struct_sheet_hbond.range_2_label_comp_id 
_pdbx_struct_sheet_hbond.range_2_label_asym_id 
_pdbx_struct_sheet_hbond.range_2_label_seq_id 
_pdbx_struct_sheet_hbond.range_2_PDB_ins_code 
_pdbx_struct_sheet_hbond.range_2_auth_atom_id 
_pdbx_struct_sheet_hbond.range_2_auth_comp_id 
_pdbx_struct_sheet_hbond.range_2_auth_asym_id 
_pdbx_struct_sheet_hbond.range_2_auth_seq_id 
A 1 2 O GLY A 50 ? O GLY A 249 N GLY A 43 ? N GLY A 242 
A 2 3 O GLU A 44 ? O GLU A 243 N THR A 31 ? N THR A 230 
A 3 4 O VAL A 32 ? O VAL A 231 N ARG A 6  ? N ARG A 205 
A 4 5 N ARG A 9  ? N ARG A 208 O THR A 58 ? O THR A 257 
# 
_struct_site.id                   AC1 
_struct_site.pdbx_evidence_code   Software 
_struct_site.pdbx_auth_asym_id    A 
_struct_site.pdbx_auth_comp_id    PO4 
_struct_site.pdbx_auth_seq_id     101 
_struct_site.pdbx_auth_ins_code   ? 
_struct_site.pdbx_num_residues    7 
_struct_site.details              'BINDING SITE FOR RESIDUE PO4 A 101' 
# 
loop_
_struct_site_gen.id 
_struct_site_gen.site_id 
_struct_site_gen.pdbx_num_res 
_struct_site_gen.label_comp_id 
_struct_site_gen.label_asym_id 
_struct_site_gen.label_seq_id 
_struct_site_gen.pdbx_auth_ins_code 
_struct_site_gen.auth_comp_id 
_struct_site_gen.auth_asym_id 
_struct_site_gen.auth_seq_id 
_struct_site_gen.label_atom_id 
_struct_site_gen.label_alt_id 
_struct_site_gen.symmetry 
_struct_site_gen.details 
1 AC1 7 HOH D .  ? HOH A 9   . ? 1_555 ? 
2 AC1 7 HOH D .  ? HOH A 16  . ? 1_555 ? 
3 AC1 7 HOH D .  ? HOH A 56  . ? 1_555 ? 
4 AC1 7 LYS A 25 ? LYS A 224 . ? 2_665 ? 
5 AC1 7 ARG A 47 ? ARG A 246 . ? 2_665 ? 
6 AC1 7 THR A 58 ? THR A 257 . ? 1_555 ? 
7 AC1 7 THR A 59 ? THR A 258 . ? 1_555 ? 
# 
loop_
_pdbx_validate_close_contact.id 
_pdbx_validate_close_contact.PDB_model_num 
_pdbx_validate_close_contact.auth_atom_id_1 
_pdbx_validate_close_contact.auth_asym_id_1 
_pdbx_validate_close_contact.auth_comp_id_1 
_pdbx_validate_close_contact.auth_seq_id_1 
_pdbx_validate_close_contact.PDB_ins_code_1 
_pdbx_validate_close_contact.label_alt_id_1 
_pdbx_validate_close_contact.auth_atom_id_2 
_pdbx_validate_close_contact.auth_asym_id_2 
_pdbx_validate_close_contact.auth_comp_id_2 
_pdbx_validate_close_contact.auth_seq_id_2 
_pdbx_validate_close_contact.PDB_ins_code_2 
_pdbx_validate_close_contact.label_alt_id_2 
_pdbx_validate_close_contact.dist 
1 1 O   A HOH 23  ? ? O A HOH 54 ? ? 1.94 
2 1 ND2 B ASN 706 ? ? O B HOH 46 ? ? 2.08 
3 1 OE2 A GLU 214 ? ? O A HOH 29 ? ? 2.09 
# 
loop_
_pdbx_validate_rmsd_angle.id 
_pdbx_validate_rmsd_angle.PDB_model_num 
_pdbx_validate_rmsd_angle.auth_atom_id_1 
_pdbx_validate_rmsd_angle.auth_asym_id_1 
_pdbx_validate_rmsd_angle.auth_comp_id_1 
_pdbx_validate_rmsd_angle.auth_seq_id_1 
_pdbx_validate_rmsd_angle.PDB_ins_code_1 
_pdbx_validate_rmsd_angle.label_alt_id_1 
_pdbx_validate_rmsd_angle.auth_atom_id_2 
_pdbx_validate_rmsd_angle.auth_asym_id_2 
_pdbx_validate_rmsd_angle.auth_comp_id_2 
_pdbx_validate_rmsd_angle.auth_seq_id_2 
_pdbx_validate_rmsd_angle.PDB_ins_code_2 
_pdbx_validate_rmsd_angle.label_alt_id_2 
_pdbx_validate_rmsd_angle.auth_atom_id_3 
_pdbx_validate_rmsd_angle.auth_asym_id_3 
_pdbx_validate_rmsd_angle.auth_comp_id_3 
_pdbx_validate_rmsd_angle.auth_seq_id_3 
_pdbx_validate_rmsd_angle.PDB_ins_code_3 
_pdbx_validate_rmsd_angle.label_alt_id_3 
_pdbx_validate_rmsd_angle.angle_value 
_pdbx_validate_rmsd_angle.angle_target_value 
_pdbx_validate_rmsd_angle.angle_deviation 
_pdbx_validate_rmsd_angle.angle_standard_deviation 
_pdbx_validate_rmsd_angle.linker_flag 
1 1 CB A ASP 212 ? ? CG A ASP 212 ? ? OD2 A ASP 212 ? ? 124.63 118.30 6.33 0.90 N 
2 1 CB A ASP 233 ? ? CG A ASP 233 ? ? OD2 A ASP 233 ? ? 124.74 118.30 6.44 0.90 N 
3 1 CB A ASP 236 ? ? CG A ASP 236 ? ? OD2 A ASP 236 ? ? 124.38 118.30 6.08 0.90 N 
# 
_pdbx_validate_torsion.id              1 
_pdbx_validate_torsion.PDB_model_num   1 
_pdbx_validate_torsion.auth_comp_id    ASN 
_pdbx_validate_torsion.auth_asym_id    A 
_pdbx_validate_torsion.auth_seq_id     244 
_pdbx_validate_torsion.PDB_ins_code    ? 
_pdbx_validate_torsion.label_alt_id    ? 
_pdbx_validate_torsion.phi             -141.57 
_pdbx_validate_torsion.psi             -159.60 
# 
loop_
_pdbx_unobs_or_zero_occ_residues.id 
_pdbx_unobs_or_zero_occ_residues.PDB_model_num 
_pdbx_unobs_or_zero_occ_residues.polymer_flag 
_pdbx_unobs_or_zero_occ_residues.occupancy_flag 
_pdbx_unobs_or_zero_occ_residues.auth_asym_id 
_pdbx_unobs_or_zero_occ_residues.auth_comp_id 
_pdbx_unobs_or_zero_occ_residues.auth_seq_id 
_pdbx_unobs_or_zero_occ_residues.PDB_ins_code 
_pdbx_unobs_or_zero_occ_residues.label_asym_id 
_pdbx_unobs_or_zero_occ_residues.label_comp_id 
_pdbx_unobs_or_zero_occ_residues.label_seq_id 
1 1 Y 1 A ALA 200 ? A ALA 1  
2 1 Y 1 A GLY 201 ? A GLY 2  
3 1 Y 1 A HIS 202 ? A HIS 3  
4 1 Y 1 A SER 261 ? A SER 62 
5 1 Y 1 B PRO 708 ? B PRO 10 
6 1 Y 1 B PRO 709 ? B PRO 11 
# 
loop_
_chem_comp_atom.comp_id 
_chem_comp_atom.atom_id 
_chem_comp_atom.type_symbol 
_chem_comp_atom.pdbx_aromatic_flag 
_chem_comp_atom.pdbx_stereo_config 
_chem_comp_atom.pdbx_ordinal 
ALA N    N N N 1   
ALA CA   C N S 2   
ALA C    C N N 3   
ALA O    O N N 4   
ALA CB   C N N 5   
ALA OXT  O N N 6   
ALA H    H N N 7   
ALA H2   H N N 8   
ALA HA   H N N 9   
ALA HB1  H N N 10  
ALA HB2  H N N 11  
ALA HB3  H N N 12  
ALA HXT  H N N 13  
ARG N    N N N 14  
ARG CA   C N S 15  
ARG C    C N N 16  
ARG O    O N N 17  
ARG CB   C N N 18  
ARG CG   C N N 19  
ARG CD   C N N 20  
ARG NE   N N N 21  
ARG CZ   C N N 22  
ARG NH1  N N N 23  
ARG NH2  N N N 24  
ARG OXT  O N N 25  
ARG H    H N N 26  
ARG H2   H N N 27  
ARG HA   H N N 28  
ARG HB2  H N N 29  
ARG HB3  H N N 30  
ARG HG2  H N N 31  
ARG HG3  H N N 32  
ARG HD2  H N N 33  
ARG HD3  H N N 34  
ARG HE   H N N 35  
ARG HH11 H N N 36  
ARG HH12 H N N 37  
ARG HH21 H N N 38  
ARG HH22 H N N 39  
ARG HXT  H N N 40  
ASN N    N N N 41  
ASN CA   C N S 42  
ASN C    C N N 43  
ASN O    O N N 44  
ASN CB   C N N 45  
ASN CG   C N N 46  
ASN OD1  O N N 47  
ASN ND2  N N N 48  
ASN OXT  O N N 49  
ASN H    H N N 50  
ASN H2   H N N 51  
ASN HA   H N N 52  
ASN HB2  H N N 53  
ASN HB3  H N N 54  
ASN HD21 H N N 55  
ASN HD22 H N N 56  
ASN HXT  H N N 57  
ASP N    N N N 58  
ASP CA   C N S 59  
ASP C    C N N 60  
ASP O    O N N 61  
ASP CB   C N N 62  
ASP CG   C N N 63  
ASP OD1  O N N 64  
ASP OD2  O N N 65  
ASP OXT  O N N 66  
ASP H    H N N 67  
ASP H2   H N N 68  
ASP HA   H N N 69  
ASP HB2  H N N 70  
ASP HB3  H N N 71  
ASP HD2  H N N 72  
ASP HXT  H N N 73  
GLN N    N N N 74  
GLN CA   C N S 75  
GLN C    C N N 76  
GLN O    O N N 77  
GLN CB   C N N 78  
GLN CG   C N N 79  
GLN CD   C N N 80  
GLN OE1  O N N 81  
GLN NE2  N N N 82  
GLN OXT  O N N 83  
GLN H    H N N 84  
GLN H2   H N N 85  
GLN HA   H N N 86  
GLN HB2  H N N 87  
GLN HB3  H N N 88  
GLN HG2  H N N 89  
GLN HG3  H N N 90  
GLN HE21 H N N 91  
GLN HE22 H N N 92  
GLN HXT  H N N 93  
GLU N    N N N 94  
GLU CA   C N S 95  
GLU C    C N N 96  
GLU O    O N N 97  
GLU CB   C N N 98  
GLU CG   C N N 99  
GLU CD   C N N 100 
GLU OE1  O N N 101 
GLU OE2  O N N 102 
GLU OXT  O N N 103 
GLU H    H N N 104 
GLU H2   H N N 105 
GLU HA   H N N 106 
GLU HB2  H N N 107 
GLU HB3  H N N 108 
GLU HG2  H N N 109 
GLU HG3  H N N 110 
GLU HE2  H N N 111 
GLU HXT  H N N 112 
GLY N    N N N 113 
GLY CA   C N N 114 
GLY C    C N N 115 
GLY O    O N N 116 
GLY OXT  O N N 117 
GLY H    H N N 118 
GLY H2   H N N 119 
GLY HA2  H N N 120 
GLY HA3  H N N 121 
GLY HXT  H N N 122 
HIS N    N N N 123 
HIS CA   C N S 124 
HIS C    C N N 125 
HIS O    O N N 126 
HIS CB   C N N 127 
HIS CG   C Y N 128 
HIS ND1  N Y N 129 
HIS CD2  C Y N 130 
HIS CE1  C Y N 131 
HIS NE2  N Y N 132 
HIS OXT  O N N 133 
HIS H    H N N 134 
HIS H2   H N N 135 
HIS HA   H N N 136 
HIS HB2  H N N 137 
HIS HB3  H N N 138 
HIS HD1  H N N 139 
HIS HD2  H N N 140 
HIS HE1  H N N 141 
HIS HE2  H N N 142 
HIS HXT  H N N 143 
HOH O    O N N 144 
HOH H1   H N N 145 
HOH H2   H N N 146 
ILE N    N N N 147 
ILE CA   C N S 148 
ILE C    C N N 149 
ILE O    O N N 150 
ILE CB   C N S 151 
ILE CG1  C N N 152 
ILE CG2  C N N 153 
ILE CD1  C N N 154 
ILE OXT  O N N 155 
ILE H    H N N 156 
ILE H2   H N N 157 
ILE HA   H N N 158 
ILE HB   H N N 159 
ILE HG12 H N N 160 
ILE HG13 H N N 161 
ILE HG21 H N N 162 
ILE HG22 H N N 163 
ILE HG23 H N N 164 
ILE HD11 H N N 165 
ILE HD12 H N N 166 
ILE HD13 H N N 167 
ILE HXT  H N N 168 
LEU N    N N N 169 
LEU CA   C N S 170 
LEU C    C N N 171 
LEU O    O N N 172 
LEU CB   C N N 173 
LEU CG   C N N 174 
LEU CD1  C N N 175 
LEU CD2  C N N 176 
LEU OXT  O N N 177 
LEU H    H N N 178 
LEU H2   H N N 179 
LEU HA   H N N 180 
LEU HB2  H N N 181 
LEU HB3  H N N 182 
LEU HG   H N N 183 
LEU HD11 H N N 184 
LEU HD12 H N N 185 
LEU HD13 H N N 186 
LEU HD21 H N N 187 
LEU HD22 H N N 188 
LEU HD23 H N N 189 
LEU HXT  H N N 190 
LYS N    N N N 191 
LYS CA   C N S 192 
LYS C    C N N 193 
LYS O    O N N 194 
LYS CB   C N N 195 
LYS CG   C N N 196 
LYS CD   C N N 197 
LYS CE   C N N 198 
LYS NZ   N N N 199 
LYS OXT  O N N 200 
LYS H    H N N 201 
LYS H2   H N N 202 
LYS HA   H N N 203 
LYS HB2  H N N 204 
LYS HB3  H N N 205 
LYS HG2  H N N 206 
LYS HG3  H N N 207 
LYS HD2  H N N 208 
LYS HD3  H N N 209 
LYS HE2  H N N 210 
LYS HE3  H N N 211 
LYS HZ1  H N N 212 
LYS HZ2  H N N 213 
LYS HZ3  H N N 214 
LYS HXT  H N N 215 
MET N    N N N 216 
MET CA   C N S 217 
MET C    C N N 218 
MET O    O N N 219 
MET CB   C N N 220 
MET CG   C N N 221 
MET SD   S N N 222 
MET CE   C N N 223 
MET OXT  O N N 224 
MET H    H N N 225 
MET H2   H N N 226 
MET HA   H N N 227 
MET HB2  H N N 228 
MET HB3  H N N 229 
MET HG2  H N N 230 
MET HG3  H N N 231 
MET HE1  H N N 232 
MET HE2  H N N 233 
MET HE3  H N N 234 
MET HXT  H N N 235 
PHE N    N N N 236 
PHE CA   C N S 237 
PHE C    C N N 238 
PHE O    O N N 239 
PHE CB   C N N 240 
PHE CG   C Y N 241 
PHE CD1  C Y N 242 
PHE CD2  C Y N 243 
PHE CE1  C Y N 244 
PHE CE2  C Y N 245 
PHE CZ   C Y N 246 
PHE OXT  O N N 247 
PHE H    H N N 248 
PHE H2   H N N 249 
PHE HA   H N N 250 
PHE HB2  H N N 251 
PHE HB3  H N N 252 
PHE HD1  H N N 253 
PHE HD2  H N N 254 
PHE HE1  H N N 255 
PHE HE2  H N N 256 
PHE HZ   H N N 257 
PHE HXT  H N N 258 
PO4 P    P N N 259 
PO4 O1   O N N 260 
PO4 O2   O N N 261 
PO4 O3   O N N 262 
PO4 O4   O N N 263 
PRO N    N N N 264 
PRO CA   C N S 265 
PRO C    C N N 266 
PRO O    O N N 267 
PRO CB   C N N 268 
PRO CG   C N N 269 
PRO CD   C N N 270 
PRO OXT  O N N 271 
PRO H    H N N 272 
PRO HA   H N N 273 
PRO HB2  H N N 274 
PRO HB3  H N N 275 
PRO HG2  H N N 276 
PRO HG3  H N N 277 
PRO HD2  H N N 278 
PRO HD3  H N N 279 
PRO HXT  H N N 280 
SER N    N N N 281 
SER CA   C N S 282 
SER C    C N N 283 
SER O    O N N 284 
SER CB   C N N 285 
SER OG   O N N 286 
SER OXT  O N N 287 
SER H    H N N 288 
SER H2   H N N 289 
SER HA   H N N 290 
SER HB2  H N N 291 
SER HB3  H N N 292 
SER HG   H N N 293 
SER HXT  H N N 294 
THR N    N N N 295 
THR CA   C N S 296 
THR C    C N N 297 
THR O    O N N 298 
THR CB   C N R 299 
THR OG1  O N N 300 
THR CG2  C N N 301 
THR OXT  O N N 302 
THR H    H N N 303 
THR H2   H N N 304 
THR HA   H N N 305 
THR HB   H N N 306 
THR HG1  H N N 307 
THR HG21 H N N 308 
THR HG22 H N N 309 
THR HG23 H N N 310 
THR HXT  H N N 311 
TRP N    N N N 312 
TRP CA   C N S 313 
TRP C    C N N 314 
TRP O    O N N 315 
TRP CB   C N N 316 
TRP CG   C Y N 317 
TRP CD1  C Y N 318 
TRP CD2  C Y N 319 
TRP NE1  N Y N 320 
TRP CE2  C Y N 321 
TRP CE3  C Y N 322 
TRP CZ2  C Y N 323 
TRP CZ3  C Y N 324 
TRP CH2  C Y N 325 
TRP OXT  O N N 326 
TRP H    H N N 327 
TRP H2   H N N 328 
TRP HA   H N N 329 
TRP HB2  H N N 330 
TRP HB3  H N N 331 
TRP HD1  H N N 332 
TRP HE1  H N N 333 
TRP HE3  H N N 334 
TRP HZ2  H N N 335 
TRP HZ3  H N N 336 
TRP HH2  H N N 337 
TRP HXT  H N N 338 
TYR N    N N N 339 
TYR CA   C N S 340 
TYR C    C N N 341 
TYR O    O N N 342 
TYR CB   C N N 343 
TYR CG   C Y N 344 
TYR CD1  C Y N 345 
TYR CD2  C Y N 346 
TYR CE1  C Y N 347 
TYR CE2  C Y N 348 
TYR CZ   C Y N 349 
TYR OH   O N N 350 
TYR OXT  O N N 351 
TYR H    H N N 352 
TYR H2   H N N 353 
TYR HA   H N N 354 
TYR HB2  H N N 355 
TYR HB3  H N N 356 
TYR HD1  H N N 357 
TYR HD2  H N N 358 
TYR HE1  H N N 359 
TYR HE2  H N N 360 
TYR HH   H N N 361 
TYR HXT  H N N 362 
VAL N    N N N 363 
VAL CA   C N S 364 
VAL C    C N N 365 
VAL O    O N N 366 
VAL CB   C N N 367 
VAL CG1  C N N 368 
VAL CG2  C N N 369 
VAL OXT  O N N 370 
VAL H    H N N 371 
VAL H2   H N N 372 
VAL HA   H N N 373 
VAL HB   H N N 374 
VAL HG11 H N N 375 
VAL HG12 H N N 376 
VAL HG13 H N N 377 
VAL HG21 H N N 378 
VAL HG22 H N N 379 
VAL HG23 H N N 380 
VAL HXT  H N N 381 
# 
loop_
_chem_comp_bond.comp_id 
_chem_comp_bond.atom_id_1 
_chem_comp_bond.atom_id_2 
_chem_comp_bond.value_order 
_chem_comp_bond.pdbx_aromatic_flag 
_chem_comp_bond.pdbx_stereo_config 
_chem_comp_bond.pdbx_ordinal 
ALA N   CA   sing N N 1   
ALA N   H    sing N N 2   
ALA N   H2   sing N N 3   
ALA CA  C    sing N N 4   
ALA CA  CB   sing N N 5   
ALA CA  HA   sing N N 6   
ALA C   O    doub N N 7   
ALA C   OXT  sing N N 8   
ALA CB  HB1  sing N N 9   
ALA CB  HB2  sing N N 10  
ALA CB  HB3  sing N N 11  
ALA OXT HXT  sing N N 12  
ARG N   CA   sing N N 13  
ARG N   H    sing N N 14  
ARG N   H2   sing N N 15  
ARG CA  C    sing N N 16  
ARG CA  CB   sing N N 17  
ARG CA  HA   sing N N 18  
ARG C   O    doub N N 19  
ARG C   OXT  sing N N 20  
ARG CB  CG   sing N N 21  
ARG CB  HB2  sing N N 22  
ARG CB  HB3  sing N N 23  
ARG CG  CD   sing N N 24  
ARG CG  HG2  sing N N 25  
ARG CG  HG3  sing N N 26  
ARG CD  NE   sing N N 27  
ARG CD  HD2  sing N N 28  
ARG CD  HD3  sing N N 29  
ARG NE  CZ   sing N N 30  
ARG NE  HE   sing N N 31  
ARG CZ  NH1  sing N N 32  
ARG CZ  NH2  doub N N 33  
ARG NH1 HH11 sing N N 34  
ARG NH1 HH12 sing N N 35  
ARG NH2 HH21 sing N N 36  
ARG NH2 HH22 sing N N 37  
ARG OXT HXT  sing N N 38  
ASN N   CA   sing N N 39  
ASN N   H    sing N N 40  
ASN N   H2   sing N N 41  
ASN CA  C    sing N N 42  
ASN CA  CB   sing N N 43  
ASN CA  HA   sing N N 44  
ASN C   O    doub N N 45  
ASN C   OXT  sing N N 46  
ASN CB  CG   sing N N 47  
ASN CB  HB2  sing N N 48  
ASN CB  HB3  sing N N 49  
ASN CG  OD1  doub N N 50  
ASN CG  ND2  sing N N 51  
ASN ND2 HD21 sing N N 52  
ASN ND2 HD22 sing N N 53  
ASN OXT HXT  sing N N 54  
ASP N   CA   sing N N 55  
ASP N   H    sing N N 56  
ASP N   H2   sing N N 57  
ASP CA  C    sing N N 58  
ASP CA  CB   sing N N 59  
ASP CA  HA   sing N N 60  
ASP C   O    doub N N 61  
ASP C   OXT  sing N N 62  
ASP CB  CG   sing N N 63  
ASP CB  HB2  sing N N 64  
ASP CB  HB3  sing N N 65  
ASP CG  OD1  doub N N 66  
ASP CG  OD2  sing N N 67  
ASP OD2 HD2  sing N N 68  
ASP OXT HXT  sing N N 69  
GLN N   CA   sing N N 70  
GLN N   H    sing N N 71  
GLN N   H2   sing N N 72  
GLN CA  C    sing N N 73  
GLN CA  CB   sing N N 74  
GLN CA  HA   sing N N 75  
GLN C   O    doub N N 76  
GLN C   OXT  sing N N 77  
GLN CB  CG   sing N N 78  
GLN CB  HB2  sing N N 79  
GLN CB  HB3  sing N N 80  
GLN CG  CD   sing N N 81  
GLN CG  HG2  sing N N 82  
GLN CG  HG3  sing N N 83  
GLN CD  OE1  doub N N 84  
GLN CD  NE2  sing N N 85  
GLN NE2 HE21 sing N N 86  
GLN NE2 HE22 sing N N 87  
GLN OXT HXT  sing N N 88  
GLU N   CA   sing N N 89  
GLU N   H    sing N N 90  
GLU N   H2   sing N N 91  
GLU CA  C    sing N N 92  
GLU CA  CB   sing N N 93  
GLU CA  HA   sing N N 94  
GLU C   O    doub N N 95  
GLU C   OXT  sing N N 96  
GLU CB  CG   sing N N 97  
GLU CB  HB2  sing N N 98  
GLU CB  HB3  sing N N 99  
GLU CG  CD   sing N N 100 
GLU CG  HG2  sing N N 101 
GLU CG  HG3  sing N N 102 
GLU CD  OE1  doub N N 103 
GLU CD  OE2  sing N N 104 
GLU OE2 HE2  sing N N 105 
GLU OXT HXT  sing N N 106 
GLY N   CA   sing N N 107 
GLY N   H    sing N N 108 
GLY N   H2   sing N N 109 
GLY CA  C    sing N N 110 
GLY CA  HA2  sing N N 111 
GLY CA  HA3  sing N N 112 
GLY C   O    doub N N 113 
GLY C   OXT  sing N N 114 
GLY OXT HXT  sing N N 115 
HIS N   CA   sing N N 116 
HIS N   H    sing N N 117 
HIS N   H2   sing N N 118 
HIS CA  C    sing N N 119 
HIS CA  CB   sing N N 120 
HIS CA  HA   sing N N 121 
HIS C   O    doub N N 122 
HIS C   OXT  sing N N 123 
HIS CB  CG   sing N N 124 
HIS CB  HB2  sing N N 125 
HIS CB  HB3  sing N N 126 
HIS CG  ND1  sing Y N 127 
HIS CG  CD2  doub Y N 128 
HIS ND1 CE1  doub Y N 129 
HIS ND1 HD1  sing N N 130 
HIS CD2 NE2  sing Y N 131 
HIS CD2 HD2  sing N N 132 
HIS CE1 NE2  sing Y N 133 
HIS CE1 HE1  sing N N 134 
HIS NE2 HE2  sing N N 135 
HIS OXT HXT  sing N N 136 
HOH O   H1   sing N N 137 
HOH O   H2   sing N N 138 
ILE N   CA   sing N N 139 
ILE N   H    sing N N 140 
ILE N   H2   sing N N 141 
ILE CA  C    sing N N 142 
ILE CA  CB   sing N N 143 
ILE CA  HA   sing N N 144 
ILE C   O    doub N N 145 
ILE C   OXT  sing N N 146 
ILE CB  CG1  sing N N 147 
ILE CB  CG2  sing N N 148 
ILE CB  HB   sing N N 149 
ILE CG1 CD1  sing N N 150 
ILE CG1 HG12 sing N N 151 
ILE CG1 HG13 sing N N 152 
ILE CG2 HG21 sing N N 153 
ILE CG2 HG22 sing N N 154 
ILE CG2 HG23 sing N N 155 
ILE CD1 HD11 sing N N 156 
ILE CD1 HD12 sing N N 157 
ILE CD1 HD13 sing N N 158 
ILE OXT HXT  sing N N 159 
LEU N   CA   sing N N 160 
LEU N   H    sing N N 161 
LEU N   H2   sing N N 162 
LEU CA  C    sing N N 163 
LEU CA  CB   sing N N 164 
LEU CA  HA   sing N N 165 
LEU C   O    doub N N 166 
LEU C   OXT  sing N N 167 
LEU CB  CG   sing N N 168 
LEU CB  HB2  sing N N 169 
LEU CB  HB3  sing N N 170 
LEU CG  CD1  sing N N 171 
LEU CG  CD2  sing N N 172 
LEU CG  HG   sing N N 173 
LEU CD1 HD11 sing N N 174 
LEU CD1 HD12 sing N N 175 
LEU CD1 HD13 sing N N 176 
LEU CD2 HD21 sing N N 177 
LEU CD2 HD22 sing N N 178 
LEU CD2 HD23 sing N N 179 
LEU OXT HXT  sing N N 180 
LYS N   CA   sing N N 181 
LYS N   H    sing N N 182 
LYS N   H2   sing N N 183 
LYS CA  C    sing N N 184 
LYS CA  CB   sing N N 185 
LYS CA  HA   sing N N 186 
LYS C   O    doub N N 187 
LYS C   OXT  sing N N 188 
LYS CB  CG   sing N N 189 
LYS CB  HB2  sing N N 190 
LYS CB  HB3  sing N N 191 
LYS CG  CD   sing N N 192 
LYS CG  HG2  sing N N 193 
LYS CG  HG3  sing N N 194 
LYS CD  CE   sing N N 195 
LYS CD  HD2  sing N N 196 
LYS CD  HD3  sing N N 197 
LYS CE  NZ   sing N N 198 
LYS CE  HE2  sing N N 199 
LYS CE  HE3  sing N N 200 
LYS NZ  HZ1  sing N N 201 
LYS NZ  HZ2  sing N N 202 
LYS NZ  HZ3  sing N N 203 
LYS OXT HXT  sing N N 204 
MET N   CA   sing N N 205 
MET N   H    sing N N 206 
MET N   H2   sing N N 207 
MET CA  C    sing N N 208 
MET CA  CB   sing N N 209 
MET CA  HA   sing N N 210 
MET C   O    doub N N 211 
MET C   OXT  sing N N 212 
MET CB  CG   sing N N 213 
MET CB  HB2  sing N N 214 
MET CB  HB3  sing N N 215 
MET CG  SD   sing N N 216 
MET CG  HG2  sing N N 217 
MET CG  HG3  sing N N 218 
MET SD  CE   sing N N 219 
MET CE  HE1  sing N N 220 
MET CE  HE2  sing N N 221 
MET CE  HE3  sing N N 222 
MET OXT HXT  sing N N 223 
PHE N   CA   sing N N 224 
PHE N   H    sing N N 225 
PHE N   H2   sing N N 226 
PHE CA  C    sing N N 227 
PHE CA  CB   sing N N 228 
PHE CA  HA   sing N N 229 
PHE C   O    doub N N 230 
PHE C   OXT  sing N N 231 
PHE CB  CG   sing N N 232 
PHE CB  HB2  sing N N 233 
PHE CB  HB3  sing N N 234 
PHE CG  CD1  doub Y N 235 
PHE CG  CD2  sing Y N 236 
PHE CD1 CE1  sing Y N 237 
PHE CD1 HD1  sing N N 238 
PHE CD2 CE2  doub Y N 239 
PHE CD2 HD2  sing N N 240 
PHE CE1 CZ   doub Y N 241 
PHE CE1 HE1  sing N N 242 
PHE CE2 CZ   sing Y N 243 
PHE CE2 HE2  sing N N 244 
PHE CZ  HZ   sing N N 245 
PHE OXT HXT  sing N N 246 
PO4 P   O1   doub N N 247 
PO4 P   O2   sing N N 248 
PO4 P   O3   sing N N 249 
PO4 P   O4   sing N N 250 
PRO N   CA   sing N N 251 
PRO N   CD   sing N N 252 
PRO N   H    sing N N 253 
PRO CA  C    sing N N 254 
PRO CA  CB   sing N N 255 
PRO CA  HA   sing N N 256 
PRO C   O    doub N N 257 
PRO C   OXT  sing N N 258 
PRO CB  CG   sing N N 259 
PRO CB  HB2  sing N N 260 
PRO CB  HB3  sing N N 261 
PRO CG  CD   sing N N 262 
PRO CG  HG2  sing N N 263 
PRO CG  HG3  sing N N 264 
PRO CD  HD2  sing N N 265 
PRO CD  HD3  sing N N 266 
PRO OXT HXT  sing N N 267 
SER N   CA   sing N N 268 
SER N   H    sing N N 269 
SER N   H2   sing N N 270 
SER CA  C    sing N N 271 
SER CA  CB   sing N N 272 
SER CA  HA   sing N N 273 
SER C   O    doub N N 274 
SER C   OXT  sing N N 275 
SER CB  OG   sing N N 276 
SER CB  HB2  sing N N 277 
SER CB  HB3  sing N N 278 
SER OG  HG   sing N N 279 
SER OXT HXT  sing N N 280 
THR N   CA   sing N N 281 
THR N   H    sing N N 282 
THR N   H2   sing N N 283 
THR CA  C    sing N N 284 
THR CA  CB   sing N N 285 
THR CA  HA   sing N N 286 
THR C   O    doub N N 287 
THR C   OXT  sing N N 288 
THR CB  OG1  sing N N 289 
THR CB  CG2  sing N N 290 
THR CB  HB   sing N N 291 
THR OG1 HG1  sing N N 292 
THR CG2 HG21 sing N N 293 
THR CG2 HG22 sing N N 294 
THR CG2 HG23 sing N N 295 
THR OXT HXT  sing N N 296 
TRP N   CA   sing N N 297 
TRP N   H    sing N N 298 
TRP N   H2   sing N N 299 
TRP CA  C    sing N N 300 
TRP CA  CB   sing N N 301 
TRP CA  HA   sing N N 302 
TRP C   O    doub N N 303 
TRP C   OXT  sing N N 304 
TRP CB  CG   sing N N 305 
TRP CB  HB2  sing N N 306 
TRP CB  HB3  sing N N 307 
TRP CG  CD1  doub Y N 308 
TRP CG  CD2  sing Y N 309 
TRP CD1 NE1  sing Y N 310 
TRP CD1 HD1  sing N N 311 
TRP CD2 CE2  doub Y N 312 
TRP CD2 CE3  sing Y N 313 
TRP NE1 CE2  sing Y N 314 
TRP NE1 HE1  sing N N 315 
TRP CE2 CZ2  sing Y N 316 
TRP CE3 CZ3  doub Y N 317 
TRP CE3 HE3  sing N N 318 
TRP CZ2 CH2  doub Y N 319 
TRP CZ2 HZ2  sing N N 320 
TRP CZ3 CH2  sing Y N 321 
TRP CZ3 HZ3  sing N N 322 
TRP CH2 HH2  sing N N 323 
TRP OXT HXT  sing N N 324 
TYR N   CA   sing N N 325 
TYR N   H    sing N N 326 
TYR N   H2   sing N N 327 
TYR CA  C    sing N N 328 
TYR CA  CB   sing N N 329 
TYR CA  HA   sing N N 330 
TYR C   O    doub N N 331 
TYR C   OXT  sing N N 332 
TYR CB  CG   sing N N 333 
TYR CB  HB2  sing N N 334 
TYR CB  HB3  sing N N 335 
TYR CG  CD1  doub Y N 336 
TYR CG  CD2  sing Y N 337 
TYR CD1 CE1  sing Y N 338 
TYR CD1 HD1  sing N N 339 
TYR CD2 CE2  doub Y N 340 
TYR CD2 HD2  sing N N 341 
TYR CE1 CZ   doub Y N 342 
TYR CE1 HE1  sing N N 343 
TYR CE2 CZ   sing Y N 344 
TYR CE2 HE2  sing N N 345 
TYR CZ  OH   sing N N 346 
TYR OH  HH   sing N N 347 
TYR OXT HXT  sing N N 348 
VAL N   CA   sing N N 349 
VAL N   H    sing N N 350 
VAL N   H2   sing N N 351 
VAL CA  C    sing N N 352 
VAL CA  CB   sing N N 353 
VAL CA  HA   sing N N 354 
VAL C   O    doub N N 355 
VAL C   OXT  sing N N 356 
VAL CB  CG1  sing N N 357 
VAL CB  CG2  sing N N 358 
VAL CB  HB   sing N N 359 
VAL CG1 HG11 sing N N 360 
VAL CG1 HG12 sing N N 361 
VAL CG1 HG13 sing N N 362 
VAL CG2 HG21 sing N N 363 
VAL CG2 HG22 sing N N 364 
VAL CG2 HG23 sing N N 365 
VAL OXT HXT  sing N N 366 
# 
_atom_sites.entry_id                    1UJ0 
_atom_sites.fract_transf_matrix[1][1]   0.00045596 
_atom_sites.fract_transf_matrix[1][2]   -0.02177316 
_atom_sites.fract_transf_matrix[1][3]   0.00967554 
_atom_sites.fract_transf_matrix[2][1]   0.00061766 
_atom_sites.fract_transf_matrix[2][2]   -0.00250021 
_atom_sites.fract_transf_matrix[2][3]   0.02369143 
_atom_sites.fract_transf_matrix[3][1]   -0.01706383 
_atom_sites.fract_transf_matrix[3][2]   -0.00016750 
_atom_sites.fract_transf_matrix[3][3]   0.00042719 
_atom_sites.fract_transf_vector[1]      0.315473 
_atom_sites.fract_transf_vector[2]      0.501880 
_atom_sites.fract_transf_vector[3]      0.447276 
# 
loop_
_atom_type.symbol 
C 
N 
O 
P 
S 
# 
loop_
_atom_site.group_PDB 
_atom_site.id 
_atom_site.type_symbol 
_atom_site.label_atom_id 
_atom_site.label_alt_id 
_atom_site.label_comp_id 
_atom_site.label_asym_id 
_atom_site.label_entity_id 
_atom_site.label_seq_id 
_atom_site.pdbx_PDB_ins_code 
_atom_site.Cartn_x 
_atom_site.Cartn_y 
_atom_site.Cartn_z 
_atom_site.occupancy 
_atom_site.B_iso_or_equiv 
_atom_site.pdbx_formal_charge 
_atom_site.auth_seq_id 
_atom_site.auth_comp_id 
_atom_site.auth_asym_id 
_atom_site.auth_atom_id 
_atom_site.pdbx_PDB_model_num 
ATOM   1   N N   . MET A 1 4  ? -9.897  11.224  8.849   1.00 33.82 ? 203 MET A N   1 
ATOM   2   C CA  . MET A 1 4  ? -8.450  11.573  8.707   1.00 34.18 ? 203 MET A CA  1 
ATOM   3   C C   . MET A 1 4  ? -7.672  10.427  8.069   1.00 32.91 ? 203 MET A C   1 
ATOM   4   O O   . MET A 1 4  ? -7.987  9.254   8.267   1.00 31.98 ? 203 MET A O   1 
ATOM   5   C CB  . MET A 1 4  ? -7.794  11.961  10.040  1.00 34.92 ? 203 MET A CB  1 
ATOM   6   C CG  . MET A 1 4  ? -8.325  13.261  10.626  1.00 37.60 ? 203 MET A CG  1 
ATOM   7   S SD  . MET A 1 4  ? -8.643  14.539  9.327   1.00 43.19 ? 203 MET A SD  1 
ATOM   8   C CE  . MET A 1 4  ? -7.095  15.418  9.322   1.00 37.60 ? 203 MET A CE  1 
ATOM   9   N N   . ALA A 1 5  ? -6.641  10.757  7.317   1.00 31.11 ? 204 ALA A N   1 
ATOM   10  C CA  . ALA A 1 5  ? -5.802  9.679   6.783   1.00 29.72 ? 204 ALA A CA  1 
ATOM   11  C C   . ALA A 1 5  ? -5.039  8.974   7.938   1.00 29.61 ? 204 ALA A C   1 
ATOM   12  O O   . ALA A 1 5  ? -4.410  9.607   8.787   1.00 30.58 ? 204 ALA A O   1 
ATOM   13  C CB  . ALA A 1 5  ? -4.898  10.196  5.731   1.00 29.64 ? 204 ALA A CB  1 
ATOM   14  N N   . ARG A 1 6  ? -5.139  7.645   7.969   1.00 27.72 ? 205 ARG A N   1 
ATOM   15  C CA  . ARG A 1 6  ? -4.554  6.822   9.023   1.00 24.16 ? 205 ARG A CA  1 
ATOM   16  C C   . ARG A 1 6  ? -3.226  6.260   8.551   1.00 21.38 ? 205 ARG A C   1 
ATOM   17  O O   . ARG A 1 6  ? -2.982  6.219   7.366   1.00 22.53 ? 205 ARG A O   1 
ATOM   18  C CB  . ARG A 1 6  ? -5.491  5.658   9.303   1.00 25.66 ? 205 ARG A CB  1 
ATOM   19  C CG  . ARG A 1 6  ? -6.017  4.936   8.083   1.00 25.63 ? 205 ARG A CG  1 
ATOM   20  C CD  . ARG A 1 6  ? -7.447  4.302   8.374   1.00 28.60 ? 205 ARG A CD  1 
ATOM   21  N NE  . ARG A 1 6  ? -7.855  3.375   7.316   1.00 23.08 ? 205 ARG A NE  1 
ATOM   22  C CZ  . ARG A 1 6  ? -7.259  2.217   7.132   1.00 20.67 ? 205 ARG A CZ  1 
ATOM   23  N NH1 . ARG A 1 6  ? -7.649  1.403   6.159   1.00 20.11 ? 205 ARG A NH1 1 
ATOM   24  N NH2 . ARG A 1 6  ? -6.269  1.868   7.950   1.00 24.50 ? 205 ARG A NH2 1 
ATOM   25  N N   . ARG A 1 7  ? -2.361  5.871   9.484   1.00 20.72 ? 206 ARG A N   1 
ATOM   26  C CA  . ARG A 1 7  ? -1.054  5.287   9.123   1.00 20.90 ? 206 ARG A CA  1 
ATOM   27  C C   . ARG A 1 7  ? -1.084  3.778   9.331   1.00 20.13 ? 206 ARG A C   1 
ATOM   28  O O   . ARG A 1 7  ? -1.763  3.276   10.234  1.00 19.49 ? 206 ARG A O   1 
ATOM   29  C CB  . ARG A 1 7  ? 0.097   5.843   9.982   1.00 24.08 ? 206 ARG A CB  1 
ATOM   30  C CG  . ARG A 1 7  ? 0.245   7.343   9.993   1.00 30.09 ? 206 ARG A CG  1 
ATOM   31  C CD  . ARG A 1 7  ? 0.798   7.912   8.720   1.00 38.65 ? 206 ARG A CD  1 
ATOM   32  N NE  . ARG A 1 7  ? 2.193   8.281   8.917   1.00 46.32 ? 206 ARG A NE  1 
ATOM   33  C CZ  . ARG A 1 7  ? 2.579   9.333   9.630   1.00 50.69 ? 206 ARG A CZ  1 
ATOM   34  N NH1 . ARG A 1 7  ? 3.862   9.583   9.789   1.00 51.54 ? 206 ARG A NH1 1 
ATOM   35  N NH2 . ARG A 1 7  ? 1.673   10.144  10.180  1.00 51.26 ? 206 ARG A NH2 1 
ATOM   36  N N   . VAL A 1 8  ? -0.357  3.074   8.469   1.00 16.54 ? 207 VAL A N   1 
ATOM   37  C CA  . VAL A 1 8  ? -0.174  1.629   8.595   1.00 15.76 ? 207 VAL A CA  1 
ATOM   38  C C   . VAL A 1 8  ? 1.321   1.331   8.357   1.00 16.03 ? 207 VAL A C   1 
ATOM   39  O O   . VAL A 1 8  ? 2.038   2.170   7.835   1.00 16.35 ? 207 VAL A O   1 
ATOM   40  C CB  . VAL A 1 8  ? -1.000  0.840   7.553   1.00 14.53 ? 207 VAL A CB  1 
ATOM   41  C CG1 . VAL A 1 8  ? -2.517  1.026   7.774   1.00 15.22 ? 207 VAL A CG1 1 
ATOM   42  C CG2 . VAL A 1 8  ? -0.635  1.241   6.084   1.00 15.23 ? 207 VAL A CG2 1 
ATOM   43  N N   . ARG A 1 9  ? 1.765   0.141   8.720   1.00 16.22 ? 208 ARG A N   1 
ATOM   44  C CA  . ARG A 1 9  ? 3.141   -0.281  8.497   1.00 17.66 ? 208 ARG A CA  1 
ATOM   45  C C   . ARG A 1 9  ? 3.153   -1.414  7.504   1.00 15.99 ? 208 ARG A C   1 
ATOM   46  O O   . ARG A 1 9  ? 2.286   -2.274  7.521   1.00 16.14 ? 208 ARG A O   1 
ATOM   47  C CB  . ARG A 1 9  ? 3.762   -0.802  9.801   1.00 19.66 ? 208 ARG A CB  1 
ATOM   48  C CG  . ARG A 1 9  ? 4.127   0.261   10.755  1.00 25.06 ? 208 ARG A CG  1 
ATOM   49  C CD  . ARG A 1 9  ? 5.668   0.363   10.991  1.00 29.85 ? 208 ARG A CD  1 
ATOM   50  N NE  . ARG A 1 9  ? 5.868   1.487   11.877  1.00 28.90 ? 208 ARG A NE  1 
ATOM   51  C CZ  . ARG A 1 9  ? 6.681   2.490   11.666  1.00 29.47 ? 208 ARG A CZ  1 
ATOM   52  N NH1 . ARG A 1 9  ? 7.458   2.540   10.595  1.00 23.31 ? 208 ARG A NH1 1 
ATOM   53  N NH2 . ARG A 1 9  ? 6.716   3.476   12.554  1.00 33.89 ? 208 ARG A NH2 1 
ATOM   54  N N   . ALA A 1 10 ? 4.124   -1.352  6.594   1.00 15.31 ? 209 ALA A N   1 
ATOM   55  C CA  . ALA A 1 10 ? 4.301   -2.420  5.658   1.00 16.16 ? 209 ALA A CA  1 
ATOM   56  C C   . ALA A 1 10 ? 4.823   -3.724  6.287   1.00 17.29 ? 209 ALA A C   1 
ATOM   57  O O   . ALA A 1 10 ? 5.852   -3.720  7.024   1.00 18.26 ? 209 ALA A O   1 
ATOM   58  C CB  . ALA A 1 10 ? 5.269   -1.957  4.517   1.00 15.71 ? 209 ALA A CB  1 
ATOM   59  N N   . LEU A 1 11 ? 4.151   -4.809  5.939   1.00 19.20 ? 210 LEU A N   1 
ATOM   60  C CA  . LEU A 1 11 ? 4.558   -6.169  6.357   1.00 19.91 ? 210 LEU A CA  1 
ATOM   61  C C   . LEU A 1 11 ? 5.544   -6.787  5.352   1.00 21.05 ? 210 LEU A C   1 
ATOM   62  O O   . LEU A 1 11 ? 6.336   -7.696  5.703   1.00 21.41 ? 210 LEU A O   1 
ATOM   63  C CB  . LEU A 1 11 ? 3.310   -7.033  6.463   1.00 20.76 ? 210 LEU A CB  1 
ATOM   64  C CG  . LEU A 1 11 ? 2.382   -6.731  7.627   1.00 22.98 ? 210 LEU A CG  1 
ATOM   65  C CD1 . LEU A 1 11 ? 1.171   -7.583  7.540   1.00 23.14 ? 210 LEU A CD1 1 
ATOM   66  C CD2 . LEU A 1 11 ? 3.154   -6.984  8.915   1.00 20.46 ? 210 LEU A CD2 1 
ATOM   67  N N   . TYR A 1 12 ? 5.550   -6.291  4.106   1.00 20.40 ? 211 TYR A N   1 
ATOM   68  C CA  . TYR A 1 12 ? 6.369   -6.892  3.052   1.00 19.96 ? 211 TYR A CA  1 
ATOM   69  C C   . TYR A 1 12 ? 6.855   -5.774  2.154   1.00 18.95 ? 211 TYR A C   1 
ATOM   70  O O   . TYR A 1 12 ? 6.246   -4.707  2.114   1.00 18.55 ? 211 TYR A O   1 
ATOM   71  C CB  . TYR A 1 12 ? 5.550   -7.902  2.208   1.00 20.16 ? 211 TYR A CB  1 
ATOM   72  C CG  . TYR A 1 12 ? 4.791   -8.895  3.081   1.00 21.51 ? 211 TYR A CG  1 
ATOM   73  C CD1 . TYR A 1 12 ? 5.456   -9.984  3.653   1.00 28.45 ? 211 TYR A CD1 1 
ATOM   74  C CD2 . TYR A 1 12 ? 3.466   -8.688  3.390   1.00 24.33 ? 211 TYR A CD2 1 
ATOM   75  C CE1 . TYR A 1 12 ? 4.785   -10.859 4.525   1.00 29.91 ? 211 TYR A CE1 1 
ATOM   76  C CE2 . TYR A 1 12 ? 2.800   -9.516  4.234   1.00 29.33 ? 211 TYR A CE2 1 
ATOM   77  C CZ  . TYR A 1 12 ? 3.442   -10.613 4.787   1.00 31.87 ? 211 TYR A CZ  1 
ATOM   78  O OH  . TYR A 1 12 ? 2.718   -11.438 5.638   1.00 35.75 ? 211 TYR A OH  1 
ATOM   79  N N   . ASP A 1 13 ? 7.904   -6.037  1.393   1.00 18.52 ? 212 ASP A N   1 
ATOM   80  C CA  . ASP A 1 13 ? 8.265   -5.187  0.282   1.00 19.06 ? 212 ASP A CA  1 
ATOM   81  C C   . ASP A 1 13 ? 7.204   -5.285  -0.827  1.00 18.26 ? 212 ASP A C   1 
ATOM   82  O O   . ASP A 1 13 ? 6.571   -6.345  -1.056  1.00 17.65 ? 212 ASP A O   1 
ATOM   83  C CB  . ASP A 1 13 ? 9.586   -5.640  -0.356  1.00 20.32 ? 212 ASP A CB  1 
ATOM   84  C CG  . ASP A 1 13 ? 10.776  -5.485  0.528   1.00 26.53 ? 212 ASP A CG  1 
ATOM   85  O OD1 . ASP A 1 13 ? 11.847  -6.012  0.100   1.00 25.85 ? 212 ASP A OD1 1 
ATOM   86  O OD2 . ASP A 1 13 ? 10.782  -4.849  1.612   1.00 23.87 ? 212 ASP A OD2 1 
ATOM   87  N N   . PHE A 1 14 ? 6.995   -4.158  -1.497  1.00 16.13 ? 213 PHE A N   1 
ATOM   88  C CA  . PHE A 1 14 ? 6.135   -4.146  -2.717  1.00 16.20 ? 213 PHE A CA  1 
ATOM   89  C C   . PHE A 1 14 ? 6.742   -3.183  -3.700  1.00 18.16 ? 213 PHE A C   1 
ATOM   90  O O   . PHE A 1 14 ? 6.854   -1.974  -3.419  1.00 17.89 ? 213 PHE A O   1 
ATOM   91  C CB  . PHE A 1 14 ? 4.721   -3.661  -2.348  1.00 15.49 ? 213 PHE A CB  1 
ATOM   92  C CG  . PHE A 1 14 ? 3.766   -3.568  -3.498  1.00 16.53 ? 213 PHE A CG  1 
ATOM   93  C CD1 . PHE A 1 14 ? 3.400   -2.310  -4.027  1.00 15.33 ? 213 PHE A CD1 1 
ATOM   94  C CD2 . PHE A 1 14 ? 3.209   -4.721  -4.044  1.00 16.04 ? 213 PHE A CD2 1 
ATOM   95  C CE1 . PHE A 1 14 ? 2.469   -2.240  -5.088  1.00 14.95 ? 213 PHE A CE1 1 
ATOM   96  C CE2 . PHE A 1 14 ? 2.321   -4.678  -5.115  1.00 15.74 ? 213 PHE A CE2 1 
ATOM   97  C CZ  . PHE A 1 14 ? 1.946   -3.431  -5.650  1.00 17.45 ? 213 PHE A CZ  1 
ATOM   98  N N   . GLU A 1 15 ? 7.099   -3.670  -4.894  1.00 17.97 ? 214 GLU A N   1 
ATOM   99  C CA  . GLU A 1 15 ? 7.636   -2.783  -5.923  1.00 20.13 ? 214 GLU A CA  1 
ATOM   100 C C   . GLU A 1 15 ? 6.574   -2.497  -6.977  1.00 21.00 ? 214 GLU A C   1 
ATOM   101 O O   . GLU A 1 15 ? 6.040   -3.439  -7.581  1.00 20.05 ? 214 GLU A O   1 
ATOM   102 C CB  . GLU A 1 15 ? 8.884   -3.411  -6.580  1.00 20.34 ? 214 GLU A CB  1 
ATOM   103 C CG  . GLU A 1 15 ? 9.393   -2.606  -7.766  1.00 27.81 ? 214 GLU A CG  1 
ATOM   104 C CD  . GLU A 1 15 ? 10.185  -1.382  -7.357  1.00 37.57 ? 214 GLU A CD  1 
ATOM   105 O OE1 . GLU A 1 15 ? 11.206  -1.533  -6.677  1.00 41.38 ? 214 GLU A OE1 1 
ATOM   106 O OE2 . GLU A 1 15 ? 9.801   -0.250  -7.712  1.00 44.34 ? 214 GLU A OE2 1 
ATOM   107 N N   . ALA A 1 16 ? 6.213   -1.227  -7.155  1.00 18.35 ? 215 ALA A N   1 
ATOM   108 C CA  . ALA A 1 16 ? 5.245   -0.803  -8.146  1.00 20.52 ? 215 ALA A CA  1 
ATOM   109 C C   . ALA A 1 16 ? 5.599   -1.358  -9.536  1.00 22.91 ? 215 ALA A C   1 
ATOM   110 O O   . ALA A 1 16 ? 6.783   -1.320  -9.962  1.00 23.81 ? 215 ALA A O   1 
ATOM   111 C CB  . ALA A 1 16 ? 5.204   0.734   -8.218  1.00 20.25 ? 215 ALA A CB  1 
ATOM   112 N N   . VAL A 1 17 ? 4.606   -1.891  -10.237 1.00 24.49 ? 216 VAL A N   1 
ATOM   113 C CA  . VAL A 1 17 ? 4.828   -2.312  -11.629 1.00 27.30 ? 216 VAL A CA  1 
ATOM   114 C C   . VAL A 1 17 ? 4.157   -1.324  -12.593 1.00 28.97 ? 216 VAL A C   1 
ATOM   115 O O   . VAL A 1 17 ? 4.721   -1.029  -13.637 1.00 32.30 ? 216 VAL A O   1 
ATOM   116 C CB  . VAL A 1 17 ? 4.330   -3.727  -11.910 1.00 26.07 ? 216 VAL A CB  1 
ATOM   117 C CG1 . VAL A 1 17 ? 4.947   -4.666  -10.963 1.00 27.16 ? 216 VAL A CG1 1 
ATOM   118 C CG2 . VAL A 1 17 ? 2.834   -3.766  -11.829 1.00 27.89 ? 216 VAL A CG2 1 
ATOM   119 N N   . GLU A 1 18 ? 2.958   -0.859  -12.256 1.00 30.12 ? 217 GLU A N   1 
ATOM   120 C CA  . GLU A 1 18 ? 2.229   0.145   -13.037 1.00 30.68 ? 217 GLU A CA  1 
ATOM   121 C C   . GLU A 1 18 ? 2.525   1.517   -12.417 1.00 30.35 ? 217 GLU A C   1 
ATOM   122 O O   . GLU A 1 18 ? 2.921   1.601   -11.228 1.00 29.40 ? 217 GLU A O   1 
ATOM   123 C CB  . GLU A 1 18 ? 0.713   -0.161  -13.048 1.00 31.10 ? 217 GLU A CB  1 
ATOM   124 C CG  . GLU A 1 18 ? 0.325   -1.549  -13.583 1.00 36.45 ? 217 GLU A CG  1 
ATOM   125 C CD  . GLU A 1 18 ? -1.182  -1.870  -13.610 1.00 43.03 ? 217 GLU A CD  1 
ATOM   126 O OE1 . GLU A 1 18 ? -1.553  -3.067  -13.738 1.00 44.62 ? 217 GLU A OE1 1 
ATOM   127 O OE2 . GLU A 1 18 ? -2.023  -0.951  -13.495 1.00 47.21 ? 217 GLU A OE2 1 
ATOM   128 N N   . ASP A 1 19 ? 2.339   2.576   -13.223 1.00 29.01 ? 218 ASP A N   1 
ATOM   129 C CA  . ASP A 1 19 ? 2.632   3.943   -12.831 1.00 27.07 ? 218 ASP A CA  1 
ATOM   130 C C   . ASP A 1 19 ? 1.775   4.384   -11.650 1.00 25.59 ? 218 ASP A C   1 
ATOM   131 O O   . ASP A 1 19 ? 2.209   5.223   -10.874 1.00 27.00 ? 218 ASP A O   1 
ATOM   132 C CB  . ASP A 1 19 ? 2.434   4.960   -14.063 1.00 28.29 ? 218 ASP A CB  1 
ATOM   133 N N   . ASN A 1 20 ? 0.554   3.861   -11.564 1.00 23.15 ? 219 ASN A N   1 
ATOM   134 C CA  . ASN A 1 20 ? -0.394  4.265   -10.509 1.00 22.34 ? 219 ASN A CA  1 
ATOM   135 C C   . ASN A 1 20 ? -0.196  3.513   -9.181  1.00 18.51 ? 219 ASN A C   1 
ATOM   136 O O   . ASN A 1 20 ? -1.042  3.643   -8.291  1.00 19.18 ? 219 ASN A O   1 
ATOM   137 C CB  . ASN A 1 20 ? -1.875  4.121   -10.912 1.00 23.59 ? 219 ASN A CB  1 
ATOM   138 C CG  . ASN A 1 20 ? -2.290  2.682   -11.145 1.00 26.36 ? 219 ASN A CG  1 
ATOM   139 O OD1 . ASN A 1 20 ? -1.528  1.731   -10.916 1.00 29.20 ? 219 ASN A OD1 1 
ATOM   140 N ND2 . ASN A 1 20 ? -3.534  2.508   -11.622 1.00 32.29 ? 219 ASN A ND2 1 
ATOM   141 N N   . GLU A 1 21 ? 0.846   2.705   -9.099  1.00 18.62 ? 220 GLU A N   1 
ATOM   142 C CA  . GLU A 1 21 ? 1.141   1.934   -7.856  1.00 16.02 ? 220 GLU A CA  1 
ATOM   143 C C   . GLU A 1 21 ? 2.225   2.617   -7.043  1.00 16.19 ? 220 GLU A C   1 
ATOM   144 O O   . GLU A 1 21 ? 3.036   3.371   -7.584  1.00 17.54 ? 220 GLU A O   1 
ATOM   145 C CB  . GLU A 1 21 ? 1.592   0.529   -8.195  1.00 16.59 ? 220 GLU A CB  1 
ATOM   146 C CG  . GLU A 1 21 ? 0.431   -0.318  -8.696  1.00 17.85 ? 220 GLU A CG  1 
ATOM   147 C CD  . GLU A 1 21 ? 0.832   -1.674  -9.208  1.00 19.16 ? 220 GLU A CD  1 
ATOM   148 O OE1 . GLU A 1 21 ? 2.000   -2.075  -9.082  1.00 19.68 ? 220 GLU A OE1 1 
ATOM   149 O OE2 . GLU A 1 21 ? -0.086  -2.380  -9.736  1.00 23.40 ? 220 GLU A OE2 1 
ATOM   150 N N   . LEU A 1 22 ? 2.240   2.349   -5.729  1.00 14.98 ? 221 LEU A N   1 
ATOM   151 C CA  . LEU A 1 22 ? 3.237   2.861   -4.791  1.00 15.78 ? 221 LEU A CA  1 
ATOM   152 C C   . LEU A 1 22 ? 4.269   1.825   -4.470  1.00 18.00 ? 221 LEU A C   1 
ATOM   153 O O   . LEU A 1 22 ? 3.907   0.672   -4.251  1.00 22.39 ? 221 LEU A O   1 
ATOM   154 C CB  . LEU A 1 22 ? 2.491   3.202   -3.474  1.00 15.94 ? 221 LEU A CB  1 
ATOM   155 C CG  . LEU A 1 22 ? 3.345   3.861   -2.392  1.00 15.76 ? 221 LEU A CG  1 
ATOM   156 C CD1 . LEU A 1 22 ? 3.996   5.171   -2.948  1.00 20.83 ? 221 LEU A CD1 1 
ATOM   157 C CD2 . LEU A 1 22 ? 2.426   4.130   -1.133  1.00 20.27 ? 221 LEU A CD2 1 
ATOM   158 N N   . THR A 1 23 ? 5.546   2.205   -4.398  1.00 16.79 ? 222 THR A N   1 
ATOM   159 C CA  . THR A 1 23 ? 6.603   1.294   -3.967  1.00 15.99 ? 222 THR A CA  1 
ATOM   160 C C   . THR A 1 23 ? 6.887   1.452   -2.494  1.00 17.04 ? 222 THR A C   1 
ATOM   161 O O   . THR A 1 23 ? 7.015   2.583   -2.014  1.00 17.08 ? 222 THR A O   1 
ATOM   162 C CB  . THR A 1 23 ? 7.875   1.600   -4.768  1.00 17.05 ? 222 THR A CB  1 
ATOM   163 O OG1 . THR A 1 23 ? 7.672   1.084   -6.094  1.00 18.11 ? 222 THR A OG1 1 
ATOM   164 C CG2 . THR A 1 23 ? 9.102   0.888   -4.171  1.00 19.01 ? 222 THR A CG2 1 
ATOM   165 N N   . PHE A 1 24 ? 6.996   0.355   -1.779  1.00 15.87 ? 223 PHE A N   1 
ATOM   166 C CA  . PHE A 1 24 ? 7.381   0.466   -0.375  1.00 15.44 ? 223 PHE A CA  1 
ATOM   167 C C   . PHE A 1 24 ? 8.190   -0.732  0.106   1.00 18.35 ? 223 PHE A C   1 
ATOM   168 O O   . PHE A 1 24 ? 8.261   -1.761  -0.567  1.00 18.11 ? 223 PHE A O   1 
ATOM   169 C CB  . PHE A 1 24 ? 6.157   0.720   0.513   1.00 15.13 ? 223 PHE A CB  1 
ATOM   170 C CG  . PHE A 1 24 ? 5.078   -0.309  0.418   1.00 16.59 ? 223 PHE A CG  1 
ATOM   171 C CD1 . PHE A 1 24 ? 5.188   -1.534  1.088   1.00 14.99 ? 223 PHE A CD1 1 
ATOM   172 C CD2 . PHE A 1 24 ? 3.899   -0.022  -0.268  1.00 21.06 ? 223 PHE A CD2 1 
ATOM   173 C CE1 . PHE A 1 24 ? 4.131   -2.482  1.035   1.00 17.09 ? 223 PHE A CE1 1 
ATOM   174 C CE2 . PHE A 1 24 ? 2.855   -0.957  -0.314  1.00 23.61 ? 223 PHE A CE2 1 
ATOM   175 C CZ  . PHE A 1 24 ? 2.990   -2.212  0.385   1.00 19.90 ? 223 PHE A CZ  1 
ATOM   176 N N   . LYS A 1 25 ? 8.758   -0.613  1.312   1.00 19.18 ? 224 LYS A N   1 
ATOM   177 C CA  . LYS A 1 25 ? 9.643   -1.640  1.862   1.00 20.44 ? 224 LYS A CA  1 
ATOM   178 C C   . LYS A 1 25 ? 9.114   -2.081  3.222   1.00 20.53 ? 224 LYS A C   1 
ATOM   179 O O   . LYS A 1 25 ? 8.535   -1.286  3.965   1.00 19.07 ? 224 LYS A O   1 
ATOM   180 C CB  . LYS A 1 25 ? 11.101  -1.115  1.980   1.00 22.04 ? 224 LYS A CB  1 
ATOM   181 C CG  . LYS A 1 25 ? 11.621  -0.549  0.647   1.00 22.99 ? 224 LYS A CG  1 
ATOM   182 C CD  . LYS A 1 25 ? 11.643  -1.635  -0.432  1.00 29.02 ? 224 LYS A CD  1 
ATOM   183 C CE  . LYS A 1 25 ? 12.220  -1.116  -1.763  1.00 31.60 ? 224 LYS A CE  1 
ATOM   184 N NZ  . LYS A 1 25 ? 13.683  -1.448  -1.726  1.00 41.86 ? 224 LYS A NZ  1 
ATOM   185 N N   . HIS A 1 26 ? 9.373   -3.337  3.557   1.00 19.62 ? 225 HIS A N   1 
ATOM   186 C CA  . HIS A 1 26 ? 9.023   -3.919  4.859   1.00 22.34 ? 225 HIS A CA  1 
ATOM   187 C C   . HIS A 1 26 ? 9.404   -2.982  5.998   1.00 21.30 ? 225 HIS A C   1 
ATOM   188 O O   . HIS A 1 26 ? 10.513  -2.455  5.992   1.00 21.40 ? 225 HIS A O   1 
ATOM   189 C CB  . HIS A 1 26 ? 9.806   -5.243  5.069   1.00 25.14 ? 225 HIS A CB  1 
ATOM   190 C CG  . HIS A 1 26 ? 9.689   -5.823  6.450   1.00 31.40 ? 225 HIS A CG  1 
ATOM   191 N ND1 . HIS A 1 26 ? 10.785  -6.020  7.262   1.00 38.33 ? 225 HIS A ND1 1 
ATOM   192 C CD2 . HIS A 1 26 ? 8.616   -6.259  7.158   1.00 36.09 ? 225 HIS A CD2 1 
ATOM   193 C CE1 . HIS A 1 26 ? 10.395  -6.542  8.415   1.00 40.37 ? 225 HIS A CE1 1 
ATOM   194 N NE2 . HIS A 1 26 ? 9.082   -6.699  8.378   1.00 39.22 ? 225 HIS A NE2 1 
ATOM   195 N N   . GLY A 1 27 ? 8.463   -2.714  6.910   1.00 20.05 ? 226 GLY A N   1 
ATOM   196 C CA  . GLY A 1 27 ? 8.773   -1.887  8.062   1.00 19.91 ? 226 GLY A CA  1 
ATOM   197 C C   . GLY A 1 27 ? 8.495   -0.394  7.932   1.00 20.89 ? 226 GLY A C   1 
ATOM   198 O O   . GLY A 1 27 ? 8.492   0.312   8.941   1.00 20.60 ? 226 GLY A O   1 
ATOM   199 N N   . GLU A 1 28 ? 8.295   0.099   6.699   1.00 17.71 ? 227 GLU A N   1 
ATOM   200 C CA  . GLU A 1 28 ? 8.008   1.486   6.443   1.00 18.12 ? 227 GLU A CA  1 
ATOM   201 C C   . GLU A 1 28 ? 6.567   1.888   6.788   1.00 19.00 ? 227 GLU A C   1 
ATOM   202 O O   . GLU A 1 28 ? 5.661   1.055   6.831   1.00 20.11 ? 227 GLU A O   1 
ATOM   203 C CB  . GLU A 1 28 ? 8.292   1.871   4.994   1.00 17.46 ? 227 GLU A CB  1 
ATOM   204 C CG  . GLU A 1 28 ? 9.729   1.685   4.553   1.00 17.22 ? 227 GLU A CG  1 
ATOM   205 C CD  . GLU A 1 28 ? 9.939   2.102   3.126   1.00 17.69 ? 227 GLU A CD  1 
ATOM   206 O OE1 . GLU A 1 28 ? 11.065  2.430   2.720   1.00 18.12 ? 227 GLU A OE1 1 
ATOM   207 O OE2 . GLU A 1 28 ? 8.929   2.096   2.368   1.00 17.65 ? 227 GLU A OE2 1 
ATOM   208 N N   . LEU A 1 29 ? 6.400   3.168   7.031   1.00 18.45 ? 228 LEU A N   1 
ATOM   209 C CA  . LEU A 1 29 ? 5.085   3.744   7.291   1.00 19.19 ? 228 LEU A CA  1 
ATOM   210 C C   . LEU A 1 29 ? 4.462   4.135   5.950   1.00 17.90 ? 228 LEU A C   1 
ATOM   211 O O   . LEU A 1 29 ? 5.153   4.619   5.057   1.00 18.94 ? 228 LEU A O   1 
ATOM   212 C CB  . LEU A 1 29 ? 5.260   5.001   8.165   1.00 21.67 ? 228 LEU A CB  1 
ATOM   213 C CG  . LEU A 1 29 ? 4.240   5.238   9.294   1.00 27.29 ? 228 LEU A CG  1 
ATOM   214 C CD1 . LEU A 1 29 ? 3.959   4.041   10.184  1.00 26.88 ? 228 LEU A CD1 1 
ATOM   215 C CD2 . LEU A 1 29 ? 4.764   6.451   10.119  1.00 31.86 ? 228 LEU A CD2 1 
ATOM   216 N N   . ILE A 1 30 ? 3.192   3.878   5.819   1.00 17.33 ? 229 ILE A N   1 
ATOM   217 C CA  . ILE A 1 30 ? 2.379   4.379   4.715   1.00 16.61 ? 229 ILE A CA  1 
ATOM   218 C C   . ILE A 1 30 ? 1.207   5.135   5.293   1.00 17.16 ? 229 ILE A C   1 
ATOM   219 O O   . ILE A 1 30 ? 0.550   4.649   6.229   1.00 17.99 ? 229 ILE A O   1 
ATOM   220 C CB  . ILE A 1 30 ? 1.858   3.208   3.846   1.00 16.71 ? 229 ILE A CB  1 
ATOM   221 C CG1 . ILE A 1 30 ? 3.068   2.399   3.331   1.00 18.33 ? 229 ILE A CG1 1 
ATOM   222 C CG2 . ILE A 1 30 ? 0.917   3.726   2.711   1.00 15.90 ? 229 ILE A CG2 1 
ATOM   223 C CD1 . ILE A 1 30 ? 2.734   0.943   2.927   1.00 24.77 ? 229 ILE A CD1 1 
ATOM   224 N N   . THR A 1 31 ? 0.879   6.292   4.720   1.00 15.87 ? 230 THR A N   1 
ATOM   225 C CA  . THR A 1 31 ? -0.382  6.942   5.034   1.00 17.76 ? 230 THR A CA  1 
ATOM   226 C C   . THR A 1 31 ? -1.479  6.444   4.059   1.00 17.62 ? 230 THR A C   1 
ATOM   227 O O   . THR A 1 31 ? -1.316  6.554   2.821   1.00 19.11 ? 230 THR A O   1 
ATOM   228 C CB  . THR A 1 31 ? -0.209  8.515   4.937   1.00 18.14 ? 230 THR A CB  1 
ATOM   229 O OG1 . THR A 1 31 ? 0.724   8.894   5.952   1.00 21.74 ? 230 THR A OG1 1 
ATOM   230 C CG2 . THR A 1 31 ? -1.500  9.227   5.308   1.00 21.24 ? 230 THR A CG2 1 
ATOM   231 N N   . VAL A 1 32 ? -2.596  5.955   4.604   1.00 16.52 ? 231 VAL A N   1 
ATOM   232 C CA  . VAL A 1 32 ? -3.699  5.504   3.789   1.00 15.53 ? 231 VAL A CA  1 
ATOM   233 C C   . VAL A 1 32 ? -4.566  6.695   3.427   1.00 19.27 ? 231 VAL A C   1 
ATOM   234 O O   . VAL A 1 32 ? -5.188  7.282   4.335   1.00 20.69 ? 231 VAL A O   1 
ATOM   235 C CB  . VAL A 1 32 ? -4.531  4.449   4.550   1.00 13.94 ? 231 VAL A CB  1 
ATOM   236 C CG1 . VAL A 1 32 ? -5.676  3.881   3.679   1.00 12.27 ? 231 VAL A CG1 1 
ATOM   237 C CG2 . VAL A 1 32 ? -3.652  3.294   4.918   1.00 15.90 ? 231 VAL A CG2 1 
ATOM   238 N N   . LEU A 1 33 ? -4.588  7.042   2.131   1.00 19.33 ? 232 LEU A N   1 
ATOM   239 C CA  . LEU A 1 33 ? -5.343  8.227   1.681   1.00 21.07 ? 232 LEU A CA  1 
ATOM   240 C C   . LEU A 1 33 ? -6.738  7.916   1.256   1.00 22.38 ? 232 LEU A C   1 
ATOM   241 O O   . LEU A 1 33 ? -7.630  8.782   1.332   1.00 24.98 ? 232 LEU A O   1 
ATOM   242 C CB  . LEU A 1 33 ? -4.597  8.919   0.545   1.00 20.42 ? 232 LEU A CB  1 
ATOM   243 C CG  . LEU A 1 33 ? -3.173  9.403   0.818   1.00 20.65 ? 232 LEU A CG  1 
ATOM   244 C CD1 . LEU A 1 33 ? -2.567  9.917   -0.522  1.00 24.55 ? 232 LEU A CD1 1 
ATOM   245 C CD2 . LEU A 1 33 ? -3.051  10.447  1.964   1.00 21.91 ? 232 LEU A CD2 1 
ATOM   246 N N   . ASP A 1 34 ? -6.957  6.692   0.808   1.00 22.57 ? 233 ASP A N   1 
ATOM   247 C CA  . ASP A 1 34 ? -8.207  6.253   0.261   1.00 22.00 ? 233 ASP A CA  1 
ATOM   248 C C   . ASP A 1 34 ? -8.300  4.743   0.376   1.00 22.02 ? 233 ASP A C   1 
ATOM   249 O O   . ASP A 1 34 ? -7.624  4.016   -0.353  1.00 19.75 ? 233 ASP A O   1 
ATOM   250 C CB  . ASP A 1 34 ? -8.334  6.705   -1.237  1.00 22.93 ? 233 ASP A CB  1 
ATOM   251 C CG  . ASP A 1 34 ? -9.654  6.313   -1.851  1.00 24.04 ? 233 ASP A CG  1 
ATOM   252 O OD1 . ASP A 1 34 ? -10.402 5.516   -1.256  1.00 21.12 ? 233 ASP A OD1 1 
ATOM   253 O OD2 . ASP A 1 34 ? -10.089 6.740   -2.965  1.00 26.28 ? 233 ASP A OD2 1 
ATOM   254 N N   . ASP A 1 35 ? -9.118  4.270   1.320   1.00 22.44 ? 234 ASP A N   1 
ATOM   255 C CA  . ASP A 1 35 ? -9.392  2.831   1.447   1.00 22.63 ? 234 ASP A CA  1 
ATOM   256 C C   . ASP A 1 35 ? -10.782 2.463   1.022   1.00 25.32 ? 234 ASP A C   1 
ATOM   257 O O   . ASP A 1 35 ? -11.339 1.455   1.458   1.00 24.37 ? 234 ASP A O   1 
ATOM   258 C CB  . ASP A 1 35 ? -9.188  2.377   2.870   1.00 21.72 ? 234 ASP A CB  1 
ATOM   259 C CG  . ASP A 1 35 ? -10.011 3.168   3.879   1.00 24.81 ? 234 ASP A CG  1 
ATOM   260 O OD1 . ASP A 1 35 ? -10.706 4.170   3.498   1.00 21.41 ? 234 ASP A OD1 1 
ATOM   261 O OD2 . ASP A 1 35 ? -9.976  2.863   5.126   1.00 22.13 ? 234 ASP A OD2 1 
ATOM   262 N N   . SER A 1 36 ? -11.354 3.247   0.124   1.00 26.24 ? 235 SER A N   1 
ATOM   263 C CA  . SER A 1 36 ? -12.709 2.946   -0.293  1.00 28.99 ? 235 SER A CA  1 
ATOM   264 C C   . SER A 1 36 ? -12.829 1.654   -1.056  1.00 29.16 ? 235 SER A C   1 
ATOM   265 O O   . SER A 1 36 ? -13.895 1.086   -1.096  1.00 31.05 ? 235 SER A O   1 
ATOM   266 C CB  . SER A 1 36 ? -13.356 4.139   -1.057  1.00 27.68 ? 235 SER A CB  1 
ATOM   267 O OG  . SER A 1 36 ? -12.648 4.443   -2.267  1.00 32.07 ? 235 SER A OG  1 
ATOM   268 N N   . ASP A 1 37 ? -11.752 1.175   -1.676  1.00 30.70 ? 236 ASP A N   1 
ATOM   269 C CA  . ASP A 1 37 ? -11.707 -0.155  -2.278  1.00 30.95 ? 236 ASP A CA  1 
ATOM   270 C C   . ASP A 1 37 ? -11.123 -1.234  -1.318  1.00 32.39 ? 236 ASP A C   1 
ATOM   271 O O   . ASP A 1 37 ? -10.176 -0.949  -0.619  1.00 31.75 ? 236 ASP A O   1 
ATOM   272 C CB  . ASP A 1 37 ? -10.862 -0.097  -3.548  1.00 31.55 ? 236 ASP A CB  1 
ATOM   273 C CG  . ASP A 1 37 ? -10.928 -1.370  -4.344  1.00 33.98 ? 236 ASP A CG  1 
ATOM   274 O OD1 . ASP A 1 37 ? -11.781 -1.418  -5.269  1.00 37.70 ? 236 ASP A OD1 1 
ATOM   275 O OD2 . ASP A 1 37 ? -10.204 -2.363  -4.143  1.00 34.03 ? 236 ASP A OD2 1 
ATOM   276 N N   . ALA A 1 38 ? -11.671 -2.460  -1.274  1.00 32.63 ? 237 ALA A N   1 
ATOM   277 C CA  . ALA A 1 38 ? -11.227 -3.435  -0.254  1.00 32.40 ? 237 ALA A CA  1 
ATOM   278 C C   . ALA A 1 38 ? -9.813  -4.035  -0.410  1.00 31.68 ? 237 ALA A C   1 
ATOM   279 O O   . ALA A 1 38 ? -9.140  -4.355  0.596   1.00 31.87 ? 237 ALA A O   1 
ATOM   280 C CB  . ALA A 1 38 ? -12.277 -4.571  -0.089  1.00 33.36 ? 237 ALA A CB  1 
ATOM   281 N N   . ASN A 1 39 ? -9.366  -4.218  -1.657  1.00 29.51 ? 238 ASN A N   1 
ATOM   282 C CA  . ASN A 1 39 ? -8.117  -4.910  -1.923  1.00 27.84 ? 238 ASN A CA  1 
ATOM   283 C C   . ASN A 1 39 ? -6.974  -3.977  -2.285  1.00 23.89 ? 238 ASN A C   1 
ATOM   284 O O   . ASN A 1 39 ? -5.856  -4.337  -2.049  1.00 24.10 ? 238 ASN A O   1 
ATOM   285 C CB  . ASN A 1 39 ? -8.266  -5.946  -3.020  1.00 29.96 ? 238 ASN A CB  1 
ATOM   286 C CG  . ASN A 1 39 ? -9.072  -7.154  -2.575  1.00 33.46 ? 238 ASN A CG  1 
ATOM   287 O OD1 . ASN A 1 39 ? -8.612  -8.010  -1.800  1.00 40.11 ? 238 ASN A OD1 1 
ATOM   288 N ND2 . ASN A 1 39 ? -10.285 -7.224  -3.064  1.00 39.79 ? 238 ASN A ND2 1 
ATOM   289 N N   . TRP A 1 40 ? -7.297  -2.809  -2.842  1.00 23.29 ? 239 TRP A N   1 
ATOM   290 C CA  . TRP A 1 40 ? -6.298  -1.817  -3.314  1.00 20.85 ? 239 TRP A CA  1 
ATOM   291 C C   . TRP A 1 40 ? -6.525  -0.442  -2.706  1.00 19.55 ? 239 TRP A C   1 
ATOM   292 O O   . TRP A 1 40 ? -7.519  0.203   -2.926  1.00 20.96 ? 239 TRP A O   1 
ATOM   293 C CB  . TRP A 1 40 ? -6.262  -1.728  -4.853  1.00 21.85 ? 239 TRP A CB  1 
ATOM   294 C CG  . TRP A 1 40 ? -5.660  -2.976  -5.494  1.00 23.11 ? 239 TRP A CG  1 
ATOM   295 C CD1 . TRP A 1 40 ? -6.340  -4.135  -5.834  1.00 24.43 ? 239 TRP A CD1 1 
ATOM   296 C CD2 . TRP A 1 40 ? -4.283  -3.222  -5.800  1.00 23.08 ? 239 TRP A CD2 1 
ATOM   297 N NE1 . TRP A 1 40 ? -5.472  -5.062  -6.354  1.00 26.30 ? 239 TRP A NE1 1 
ATOM   298 C CE2 . TRP A 1 40 ? -4.207  -4.527  -6.379  1.00 23.34 ? 239 TRP A CE2 1 
ATOM   299 C CE3 . TRP A 1 40 ? -3.101  -2.448  -5.713  1.00 21.43 ? 239 TRP A CE3 1 
ATOM   300 C CZ2 . TRP A 1 40 ? -3.012  -5.097  -6.802  1.00 22.09 ? 239 TRP A CZ2 1 
ATOM   301 C CZ3 . TRP A 1 40 ? -1.904  -3.020  -6.145  1.00 21.23 ? 239 TRP A CZ3 1 
ATOM   302 C CH2 . TRP A 1 40 ? -1.869  -4.329  -6.683  1.00 25.20 ? 239 TRP A CH2 1 
ATOM   303 N N   . TRP A 1 41 ? -5.569  0.048   -1.945  1.00 17.25 ? 240 TRP A N   1 
ATOM   304 C CA  . TRP A 1 41 ? -5.714  1.315   -1.263  1.00 16.30 ? 240 TRP A CA  1 
ATOM   305 C C   . TRP A 1 41 ? -4.763  2.343   -1.825  1.00 15.70 ? 240 TRP A C   1 
ATOM   306 O O   . TRP A 1 41 ? -3.684  1.985   -2.255  1.00 15.07 ? 240 TRP A O   1 
ATOM   307 C CB  . TRP A 1 41 ? -5.353  1.099   0.228   1.00 15.66 ? 240 TRP A CB  1 
ATOM   308 C CG  . TRP A 1 41 ? -6.444  0.296   0.970   1.00 17.27 ? 240 TRP A CG  1 
ATOM   309 C CD1 . TRP A 1 41 ? -7.722  -0.120  0.530   1.00 18.70 ? 240 TRP A CD1 1 
ATOM   310 C CD2 . TRP A 1 41 ? -6.337  -0.151  2.321   1.00 17.49 ? 240 TRP A CD2 1 
ATOM   311 N NE1 . TRP A 1 41 ? -8.365  -0.820  1.547   1.00 19.05 ? 240 TRP A NE1 1 
ATOM   312 C CE2 . TRP A 1 41 ? -7.556  -0.833  2.655   1.00 19.28 ? 240 TRP A CE2 1 
ATOM   313 C CE3 . TRP A 1 41 ? -5.322  -0.078  3.271   1.00 19.48 ? 240 TRP A CE3 1 
ATOM   314 C CZ2 . TRP A 1 41 ? -7.742  -1.452  3.894   1.00 18.17 ? 240 TRP A CZ2 1 
ATOM   315 C CZ3 . TRP A 1 41 ? -5.522  -0.693  4.517   1.00 17.87 ? 240 TRP A CZ3 1 
ATOM   316 C CH2 . TRP A 1 41 ? -6.709  -1.329  4.820   1.00 17.70 ? 240 TRP A CH2 1 
ATOM   317 N N   . GLN A 1 42 ? -5.171  3.605   -1.832  1.00 14.95 ? 241 GLN A N   1 
ATOM   318 C CA  . GLN A 1 42 ? -4.230  4.658   -2.203  1.00 15.85 ? 241 GLN A CA  1 
ATOM   319 C C   . GLN A 1 42 ? -3.415  5.064   -0.989  1.00 16.38 ? 241 GLN A C   1 
ATOM   320 O O   . GLN A 1 42 ? -3.996  5.314   0.075   1.00 17.42 ? 241 GLN A O   1 
ATOM   321 C CB  . GLN A 1 42 ? -4.979  5.886   -2.719  1.00 15.33 ? 241 GLN A CB  1 
ATOM   322 C CG  A GLN A 1 42 ? -4.092  7.114   -2.934  0.50 16.85 ? 241 GLN A CG  1 
ATOM   323 C CG  B GLN A 1 42 ? -5.599  5.612   -4.068  0.50 16.57 ? 241 GLN A CG  1 
ATOM   324 C CD  A GLN A 1 42 ? -3.280  7.092   -4.236  0.50 17.39 ? 241 GLN A CD  1 
ATOM   325 C CD  B GLN A 1 42 ? -4.591  5.700   -5.196  0.50 14.18 ? 241 GLN A CD  1 
ATOM   326 O OE1 A GLN A 1 42 ? -3.339  6.125   -5.004  0.50 20.70 ? 241 GLN A OE1 1 
ATOM   327 O OE1 B GLN A 1 42 ? -3.425  6.083   -5.003  0.50 19.38 ? 241 GLN A OE1 1 
ATOM   328 N NE2 A GLN A 1 42 ? -2.544  8.180   -4.499  0.50 20.03 ? 241 GLN A NE2 1 
ATOM   329 N NE2 B GLN A 1 42 ? -5.036  5.386   -6.365  0.50 20.85 ? 241 GLN A NE2 1 
ATOM   330 N N   . GLY A 1 43 ? -2.099  5.083   -1.119  1.00 15.62 ? 242 GLY A N   1 
ATOM   331 C CA  . GLY A 1 43 ? -1.284  5.574   -0.007  1.00 16.54 ? 242 GLY A CA  1 
ATOM   332 C C   . GLY A 1 43 ? -0.292  6.631   -0.355  1.00 17.53 ? 242 GLY A C   1 
ATOM   333 O O   . GLY A 1 43 ? -0.110  6.949   -1.512  1.00 16.77 ? 242 GLY A O   1 
ATOM   334 N N   . GLU A 1 44 ? 0.468   7.046   0.653   1.00 17.46 ? 243 GLU A N   1 
ATOM   335 C CA  . GLU A 1 44 ? 1.538   8.037   0.500   1.00 18.27 ? 243 GLU A CA  1 
ATOM   336 C C   . GLU A 1 44 ? 2.665   7.677   1.430   1.00 19.08 ? 243 GLU A C   1 
ATOM   337 O O   . GLU A 1 44 ? 2.402   7.262   2.553   1.00 18.32 ? 243 GLU A O   1 
ATOM   338 C CB  . GLU A 1 44 ? 0.991   9.426   0.871   1.00 20.22 ? 243 GLU A CB  1 
ATOM   339 C CG  . GLU A 1 44 ? 2.016   10.504  0.684   1.00 23.04 ? 243 GLU A CG  1 
ATOM   340 C CD  . GLU A 1 44 ? 1.442   11.902  0.873   1.00 30.72 ? 243 GLU A CD  1 
ATOM   341 O OE1 . GLU A 1 44 ? 0.643   12.130  1.808   1.00 30.31 ? 243 GLU A OE1 1 
ATOM   342 O OE2 . GLU A 1 44 ? 1.816   12.761  0.082   1.00 34.17 ? 243 GLU A OE2 1 
ATOM   343 N N   . ASN A 1 45 ? 3.904   7.778   0.939   1.00 16.91 ? 244 ASN A N   1 
ATOM   344 C CA  . ASN A 1 45 ? 5.100   7.672   1.776   1.00 18.17 ? 244 ASN A CA  1 
ATOM   345 C C   . ASN A 1 45 ? 6.129   8.667   1.291   1.00 18.60 ? 244 ASN A C   1 
ATOM   346 O O   . ASN A 1 45 ? 5.800   9.585   0.506   1.00 20.40 ? 244 ASN A O   1 
ATOM   347 C CB  . ASN A 1 45 ? 5.700   6.236   1.767   1.00 16.85 ? 244 ASN A CB  1 
ATOM   348 C CG  . ASN A 1 45 ? 5.968   5.709   0.367   1.00 17.91 ? 244 ASN A CG  1 
ATOM   349 O OD1 . ASN A 1 45 ? 6.147   6.483   -0.562  1.00 16.21 ? 244 ASN A OD1 1 
ATOM   350 N ND2 . ASN A 1 45 ? 6.051   4.364   0.226   1.00 16.53 ? 244 ASN A ND2 1 
ATOM   351 N N   . HIS A 1 46 ? 7.382   8.419   1.649   1.00 20.48 ? 245 HIS A N   1 
ATOM   352 C CA  . HIS A 1 46 ? 8.454   9.348   1.283   1.00 23.23 ? 245 HIS A CA  1 
ATOM   353 C C   . HIS A 1 46 ? 8.716   9.379   -0.234  1.00 24.25 ? 245 HIS A C   1 
ATOM   354 O O   . HIS A 1 46 ? 9.315   10.362  -0.737  1.00 25.86 ? 245 HIS A O   1 
ATOM   355 C CB  . HIS A 1 46 ? 9.726   9.111   2.112   1.00 21.99 ? 245 HIS A CB  1 
ATOM   356 C CG  . HIS A 1 46 ? 10.272  7.706   2.026   1.00 22.70 ? 245 HIS A CG  1 
ATOM   357 N ND1 . HIS A 1 46 ? 9.598   6.621   2.535   1.00 20.64 ? 245 HIS A ND1 1 
ATOM   358 C CD2 . HIS A 1 46 ? 11.374  7.206   1.412   1.00 22.86 ? 245 HIS A CD2 1 
ATOM   359 C CE1 . HIS A 1 46 ? 10.285  5.516   2.291   1.00 21.66 ? 245 HIS A CE1 1 
ATOM   360 N NE2 . HIS A 1 46 ? 11.377  5.846   1.623   1.00 21.34 ? 245 HIS A NE2 1 
ATOM   361 N N   . ARG A 1 47 ? 8.304   8.310   -0.946  1.00 23.25 ? 246 ARG A N   1 
ATOM   362 C CA  . ARG A 1 47 ? 8.570   8.122   -2.380  1.00 23.18 ? 246 ARG A CA  1 
ATOM   363 C C   . ARG A 1 47 ? 7.524   8.756   -3.261  1.00 24.44 ? 246 ARG A C   1 
ATOM   364 O O   . ARG A 1 47 ? 7.758   8.923   -4.474  1.00 27.07 ? 246 ARG A O   1 
ATOM   365 C CB  . ARG A 1 47 ? 8.645   6.621   -2.771  1.00 22.61 ? 246 ARG A CB  1 
ATOM   366 C CG  . ARG A 1 47 ? 9.806   5.883   -2.131  1.00 22.56 ? 246 ARG A CG  1 
ATOM   367 C CD  . ARG A 1 47 ? 10.066  4.468   -2.717  1.00 19.62 ? 246 ARG A CD  1 
ATOM   368 N NE  . ARG A 1 47 ? 11.039  3.827   -1.862  1.00 19.31 ? 246 ARG A NE  1 
ATOM   369 C CZ  . ARG A 1 47 ? 10.776  3.365   -0.651  1.00 17.96 ? 246 ARG A CZ  1 
ATOM   370 N NH1 . ARG A 1 47 ? 9.520   3.362   -0.199  1.00 18.86 ? 246 ARG A NH1 1 
ATOM   371 N NH2 . ARG A 1 47 ? 11.765  2.865   0.091   1.00 21.87 ? 246 ARG A NH2 1 
ATOM   372 N N   . GLY A 1 48 ? 6.362   9.067   -2.709  1.00 22.91 ? 247 GLY A N   1 
ATOM   373 C CA  . GLY A 1 48 ? 5.256   9.569   -3.498  1.00 22.74 ? 247 GLY A CA  1 
ATOM   374 C C   . GLY A 1 48 ? 3.955   8.909   -3.083  1.00 21.73 ? 247 GLY A C   1 
ATOM   375 O O   . GLY A 1 48 ? 3.780   8.578   -1.907  1.00 20.38 ? 247 GLY A O   1 
ATOM   376 N N   . THR A 1 49 ? 3.042   8.779   -4.033  1.00 20.79 ? 248 THR A N   1 
ATOM   377 C CA  . THR A 1 49 ? 1.689   8.254   -3.791  1.00 20.08 ? 248 THR A CA  1 
ATOM   378 C C   . THR A 1 49 ? 1.309   7.172   -4.795  1.00 19.18 ? 248 THR A C   1 
ATOM   379 O O   . THR A 1 49 ? 1.875   7.073   -5.911  1.00 19.52 ? 248 THR A O   1 
ATOM   380 C CB  . THR A 1 49 ? 0.591   9.379   -3.775  1.00 20.12 ? 248 THR A CB  1 
ATOM   381 O OG1 . THR A 1 49 ? 0.622   10.033  -5.041  1.00 24.83 ? 248 THR A OG1 1 
ATOM   382 C CG2 . THR A 1 49 ? 0.878   10.503  -2.737  1.00 19.78 ? 248 THR A CG2 1 
ATOM   383 N N   . GLY A 1 50 ? 0.347   6.319   -4.427  1.00 16.82 ? 249 GLY A N   1 
ATOM   384 C CA  . GLY A 1 50 ? -0.092  5.321   -5.381  1.00 16.35 ? 249 GLY A CA  1 
ATOM   385 C C   . GLY A 1 50 ? -0.861  4.200   -4.734  1.00 15.62 ? 249 GLY A C   1 
ATOM   386 O O   . GLY A 1 50 ? -0.993  4.208   -3.518  1.00 17.32 ? 249 GLY A O   1 
ATOM   387 N N   . LEU A 1 51 ? -1.305  3.234   -5.537  1.00 14.00 ? 250 LEU A N   1 
ATOM   388 C CA  . LEU A 1 51 ? -2.124  2.138   -5.074  1.00 14.69 ? 250 LEU A CA  1 
ATOM   389 C C   . LEU A 1 51 ? -1.224  1.013   -4.538  1.00 12.75 ? 250 LEU A C   1 
ATOM   390 O O   . LEU A 1 51 ? -0.146  0.774   -5.062  1.00 14.66 ? 250 LEU A O   1 
ATOM   391 C CB  . LEU A 1 51 ? -2.940  1.557   -6.218  1.00 15.90 ? 250 LEU A CB  1 
ATOM   392 C CG  . LEU A 1 51 ? -4.167  2.389   -6.606  1.00 20.45 ? 250 LEU A CG  1 
ATOM   393 C CD1 . LEU A 1 51 ? -4.697  1.997   -7.960  1.00 27.11 ? 250 LEU A CD1 1 
ATOM   394 C CD2 . LEU A 1 51 ? -5.271  2.252   -5.509  1.00 25.70 ? 250 LEU A CD2 1 
ATOM   395 N N   . PHE A 1 52 ? -1.711  0.294   -3.536  1.00 14.31 ? 251 PHE A N   1 
ATOM   396 C CA  . PHE A 1 52 ? -0.988  -0.846  -2.989  1.00 13.18 ? 251 PHE A CA  1 
ATOM   397 C C   . PHE A 1 52 ? -1.998  -1.869  -2.457  1.00 14.50 ? 251 PHE A C   1 
ATOM   398 O O   . PHE A 1 52 ? -3.106  -1.491  -2.123  1.00 13.31 ? 251 PHE A O   1 
ATOM   399 C CB  . PHE A 1 52 ? -0.014  -0.384  -1.902  1.00 14.21 ? 251 PHE A CB  1 
ATOM   400 C CG  . PHE A 1 52 ? -0.702  0.150   -0.667  1.00 13.12 ? 251 PHE A CG  1 
ATOM   401 C CD1 . PHE A 1 52 ? -1.051  1.494   -0.577  1.00 15.43 ? 251 PHE A CD1 1 
ATOM   402 C CD2 . PHE A 1 52 ? -1.055  -0.713  0.377   1.00 14.12 ? 251 PHE A CD2 1 
ATOM   403 C CE1 . PHE A 1 52 ? -1.709  1.974   0.545   1.00 13.49 ? 251 PHE A CE1 1 
ATOM   404 C CE2 . PHE A 1 52 ? -1.702  -0.237  1.472   1.00 12.20 ? 251 PHE A CE2 1 
ATOM   405 C CZ  . PHE A 1 52 ? -2.033  1.118   1.599   1.00 15.00 ? 251 PHE A CZ  1 
ATOM   406 N N   . PRO A 1 53 ? -1.591  -3.143  -2.341  1.00 14.64 ? 252 PRO A N   1 
ATOM   407 C CA  . PRO A 1 53 ? -2.504  -4.199  -1.822  1.00 16.03 ? 252 PRO A CA  1 
ATOM   408 C C   . PRO A 1 53 ? -2.772  -4.006  -0.305  1.00 16.37 ? 252 PRO A C   1 
ATOM   409 O O   . PRO A 1 53 ? -1.827  -3.978  0.469   1.00 15.83 ? 252 PRO A O   1 
ATOM   410 C CB  . PRO A 1 53 ? -1.745  -5.500  -2.051  1.00 18.86 ? 252 PRO A CB  1 
ATOM   411 C CG  . PRO A 1 53 ? -0.663  -5.103  -3.104  1.00 17.56 ? 252 PRO A CG  1 
ATOM   412 C CD  . PRO A 1 53 ? -0.277  -3.669  -2.722  1.00 15.99 ? 252 PRO A CD  1 
ATOM   413 N N   . SER A 1 54 ? -4.030  -3.881  0.058   1.00 17.33 ? 253 SER A N   1 
ATOM   414 C CA  . SER A 1 54 ? -4.444  -3.737  1.469   1.00 17.69 ? 253 SER A CA  1 
ATOM   415 C C   . SER A 1 54 ? -3.864  -4.843  2.366   1.00 18.92 ? 253 SER A C   1 
ATOM   416 O O   . SER A 1 54 ? -3.571  -4.565  3.543   1.00 19.22 ? 253 SER A O   1 
ATOM   417 C CB  . SER A 1 54 ? -5.968  -3.680  1.580   1.00 19.80 ? 253 SER A CB  1 
ATOM   418 O OG  . SER A 1 54 ? -6.535  -4.937  1.225   1.00 19.89 ? 253 SER A OG  1 
ATOM   419 N N   . ASN A 1 55 ? -3.646  -6.058  1.841   1.00 18.08 ? 254 ASN A N   1 
ATOM   420 C CA  . ASN A 1 55 ? -3.111  -7.144  2.705   1.00 19.82 ? 254 ASN A CA  1 
ATOM   421 C C   . ASN A 1 55 ? -1.618  -7.136  2.942   1.00 18.92 ? 254 ASN A C   1 
ATOM   422 O O   . ASN A 1 55 ? -1.077  -8.067  3.572   1.00 19.93 ? 254 ASN A O   1 
ATOM   423 C CB  . ASN A 1 55 ? -3.571  -8.553  2.296   1.00 20.93 ? 254 ASN A CB  1 
ATOM   424 C CG  . ASN A 1 55 ? -3.098  -8.973  0.919   1.00 24.48 ? 254 ASN A CG  1 
ATOM   425 O OD1 . ASN A 1 55 ? -2.490  -8.217  0.184   1.00 26.17 ? 254 ASN A OD1 1 
ATOM   426 N ND2 . ASN A 1 55 ? -3.450  -10.216 0.542   1.00 31.50 ? 254 ASN A ND2 1 
ATOM   427 N N   . PHE A 1 56 ? -0.935  -6.084  2.449   1.00 16.09 ? 255 PHE A N   1 
ATOM   428 C CA  . PHE A 1 56 ? 0.486   -5.953  2.638   1.00 15.61 ? 255 PHE A CA  1 
ATOM   429 C C   . PHE A 1 56 ? 0.847   -5.097  3.838   1.00 13.85 ? 255 PHE A C   1 
ATOM   430 O O   . PHE A 1 56 ? 2.022   -4.872  4.076   1.00 16.64 ? 255 PHE A O   1 
ATOM   431 C CB  . PHE A 1 56 ? 1.167   -5.331  1.414   1.00 15.28 ? 255 PHE A CB  1 
ATOM   432 C CG  . PHE A 1 56 ? 1.637   -6.351  0.360   1.00 17.31 ? 255 PHE A CG  1 
ATOM   433 C CD1 . PHE A 1 56 ? 2.955   -6.289  -0.146  1.00 15.91 ? 255 PHE A CD1 1 
ATOM   434 C CD2 . PHE A 1 56 ? 0.747   -7.296  -0.173  1.00 20.41 ? 255 PHE A CD2 1 
ATOM   435 C CE1 . PHE A 1 56 ? 3.371   -7.153  -1.141  1.00 19.78 ? 255 PHE A CE1 1 
ATOM   436 C CE2 . PHE A 1 56 ? 1.174   -8.181  -1.153  1.00 19.80 ? 255 PHE A CE2 1 
ATOM   437 C CZ  . PHE A 1 56 ? 2.515   -8.095  -1.632  1.00 21.84 ? 255 PHE A CZ  1 
ATOM   438 N N   . VAL A 1 57 ? -0.152  -4.626  4.547   1.00 13.84 ? 256 VAL A N   1 
ATOM   439 C CA  . VAL A 1 57 ? 0.083   -3.673  5.656   1.00 13.72 ? 256 VAL A CA  1 
ATOM   440 C C   . VAL A 1 57 ? -0.651  -4.108  6.921   1.00 13.05 ? 256 VAL A C   1 
ATOM   441 O O   . VAL A 1 57 ? -1.517  -4.972  6.868   1.00 14.87 ? 256 VAL A O   1 
ATOM   442 C CB  . VAL A 1 57 ? -0.300  -2.211  5.297   1.00 12.81 ? 256 VAL A CB  1 
ATOM   443 C CG1 . VAL A 1 57 ? 0.440   -1.744  3.998   1.00 14.63 ? 256 VAL A CG1 1 
ATOM   444 C CG2 . VAL A 1 57 ? -1.800  -2.093  5.048   1.00 12.45 ? 256 VAL A CG2 1 
ATOM   445 N N   . THR A 1 58 ? -0.258  -3.493  8.016   1.00 14.87 ? 257 THR A N   1 
ATOM   446 C CA  . THR A 1 58 ? -0.940  -3.684  9.310   1.00 16.14 ? 257 THR A CA  1 
ATOM   447 C C   . THR A 1 58 ? -1.101  -2.361  10.048  1.00 16.26 ? 257 THR A C   1 
ATOM   448 O O   . THR A 1 58 ? -0.308  -1.432  9.841   1.00 16.17 ? 257 THR A O   1 
ATOM   449 C CB  . THR A 1 58 ? -0.088  -4.684  10.171  1.00 18.02 ? 257 THR A CB  1 
ATOM   450 O OG1 . THR A 1 58 ? -0.681  -4.760  11.459  1.00 20.20 ? 257 THR A OG1 1 
ATOM   451 C CG2 . THR A 1 58 ? 1.283   -4.085  10.441  1.00 18.99 ? 257 THR A CG2 1 
ATOM   452 N N   . THR A 1 59 ? -2.158  -2.250  10.869  1.00 19.35 ? 258 THR A N   1 
ATOM   453 C CA  . THR A 1 59 ? -2.396  -1.014  11.636  1.00 22.83 ? 258 THR A CA  1 
ATOM   454 C C   . THR A 1 59 ? -1.504  -0.897  12.873  1.00 26.83 ? 258 THR A C   1 
ATOM   455 O O   . THR A 1 59 ? -1.456  0.184   13.527  1.00 28.31 ? 258 THR A O   1 
ATOM   456 C CB  . THR A 1 59 ? -3.873  -0.865  12.053  1.00 22.39 ? 258 THR A CB  1 
ATOM   457 O OG1 . THR A 1 59 ? -4.317  -2.088  12.593  1.00 20.10 ? 258 THR A OG1 1 
ATOM   458 C CG2 . THR A 1 59 ? -4.798  -0.650  10.769  1.00 23.15 ? 258 THR A CG2 1 
ATOM   459 N N   . ASP A 1 60 ? -0.805  -1.974  13.205  1.00 29.91 ? 259 ASP A N   1 
ATOM   460 C CA  . ASP A 1 60 ? 0.128   -1.923  14.337  1.00 33.65 ? 259 ASP A CA  1 
ATOM   461 C C   . ASP A 1 60 ? 1.400   -1.209  13.924  1.00 34.73 ? 259 ASP A C   1 
ATOM   462 O O   . ASP A 1 60 ? 2.145   -1.708  13.062  1.00 33.99 ? 259 ASP A O   1 
ATOM   463 C CB  . ASP A 1 60 ? 0.453   -3.320  14.815  1.00 35.30 ? 259 ASP A CB  1 
ATOM   464 C CG  . ASP A 1 60 ? -0.754  -4.254  14.778  1.00 39.70 ? 259 ASP A CG  1 
ATOM   465 O OD1 . ASP A 1 60 ? -1.823  -3.917  15.361  1.00 44.87 ? 259 ASP A OD1 1 
ATOM   466 O OD2 . ASP A 1 60 ? -0.721  -5.371  14.209  1.00 44.33 ? 259 ASP A OD2 1 
ATOM   467 N N   . LEU A 1 61 ? 1.663   -0.043  14.509  1.00 35.34 ? 260 LEU A N   1 
ATOM   468 C CA  . LEU A 1 61 ? 2.830   0.718   14.056  1.00 37.15 ? 260 LEU A CA  1 
ATOM   469 C C   . LEU A 1 61 ? 4.092   0.359   14.855  1.00 38.18 ? 260 LEU A C   1 
ATOM   470 O O   . LEU A 1 61 ? 5.193   0.885   14.550  1.00 38.38 ? 260 LEU A O   1 
ATOM   471 C CB  . LEU A 1 61 ? 2.544   2.211   14.088  1.00 36.86 ? 260 LEU A CB  1 
ATOM   472 C CG  . LEU A 1 61 ? 1.242   2.653   13.410  1.00 37.81 ? 260 LEU A CG  1 
ATOM   473 C CD1 . LEU A 1 61 ? 1.201   4.165   13.416  1.00 35.65 ? 260 LEU A CD1 1 
ATOM   474 C CD2 . LEU A 1 61 ? 1.104   2.065   11.981  1.00 35.29 ? 260 LEU A CD2 1 
ATOM   475 N N   . THR B 2 1  ? 5.585   -13.428 1.320   1.00 37.60 ? 699 THR B N   1 
ATOM   476 C CA  . THR B 2 1  ? 4.850   -12.345 0.612   1.00 35.59 ? 699 THR B CA  1 
ATOM   477 C C   . THR B 2 1  ? 3.506   -12.868 0.108   1.00 34.37 ? 699 THR B C   1 
ATOM   478 O O   . THR B 2 1  ? 3.456   -13.926 -0.537  1.00 34.15 ? 699 THR B O   1 
ATOM   479 C CB  . THR B 2 1  ? 5.687   -11.856 -0.549  1.00 36.44 ? 699 THR B CB  1 
ATOM   480 O OG1 . THR B 2 1  ? 6.988   -11.466 -0.065  1.00 40.65 ? 699 THR B OG1 1 
ATOM   481 C CG2 . THR B 2 1  ? 5.119   -10.603 -1.108  1.00 35.29 ? 699 THR B CG2 1 
ATOM   482 N N   . PRO B 2 2  ? 2.423   -12.139 0.374   1.00 32.14 ? 700 PRO B N   1 
ATOM   483 C CA  . PRO B 2 2  ? 1.095   -12.525 -0.098  1.00 30.15 ? 700 PRO B CA  1 
ATOM   484 C C   . PRO B 2 2  ? 1.055   -12.403 -1.619  1.00 28.81 ? 700 PRO B C   1 
ATOM   485 O O   . PRO B 2 2  ? 1.738   -11.551 -2.199  1.00 27.73 ? 700 PRO B O   1 
ATOM   486 C CB  . PRO B 2 2  ? 0.181   -11.457 0.523   1.00 30.54 ? 700 PRO B CB  1 
ATOM   487 C CG  . PRO B 2 2  ? 0.947   -10.909 1.610   1.00 31.49 ? 700 PRO B CG  1 
ATOM   488 C CD  . PRO B 2 2  ? 2.375   -10.861 1.115   1.00 32.46 ? 700 PRO B CD  1 
ATOM   489 N N   . MET B 2 3  ? 0.272   -13.243 -2.267  1.00 27.94 ? 701 MET B N   1 
ATOM   490 C CA  . MET B 2 3  ? 0.097   -13.110 -3.687  1.00 28.07 ? 701 MET B CA  1 
ATOM   491 C C   . MET B 2 3  ? -0.684  -11.840 -4.082  1.00 27.50 ? 701 MET B C   1 
ATOM   492 O O   . MET B 2 3  ? -1.633  -11.417 -3.374  1.00 27.21 ? 701 MET B O   1 
ATOM   493 C CB  . MET B 2 3  ? -0.577  -14.359 -4.264  1.00 29.22 ? 701 MET B CB  1 
ATOM   494 C CG  . MET B 2 3  ? -0.559  -14.286 -5.733  1.00 30.84 ? 701 MET B CG  1 
ATOM   495 S SD  . MET B 2 3  ? 1.103   -14.697 -6.363  1.00 31.49 ? 701 MET B SD  1 
ATOM   496 C CE  . MET B 2 3  ? 1.388   -15.983 -5.518  1.00 28.22 ? 701 MET B CE  1 
ATOM   497 N N   . VAL B 2 4  ? -0.262  -11.207 -5.172  1.00 26.39 ? 702 VAL B N   1 
ATOM   498 C CA  . VAL B 2 4  ? -0.908  -9.989  -5.634  1.00 26.99 ? 702 VAL B CA  1 
ATOM   499 C C   . VAL B 2 4  ? -1.694  -10.326 -6.868  1.00 29.07 ? 702 VAL B C   1 
ATOM   500 O O   . VAL B 2 4  ? -1.240  -11.147 -7.675  1.00 28.59 ? 702 VAL B O   1 
ATOM   501 C CB  . VAL B 2 4  ? 0.118   -8.866  -5.894  1.00 26.39 ? 702 VAL B CB  1 
ATOM   502 C CG1 . VAL B 2 4  ? -0.517  -7.632  -6.565  1.00 27.86 ? 702 VAL B CG1 1 
ATOM   503 C CG2 . VAL B 2 4  ? 0.774   -8.481  -4.579  1.00 25.30 ? 702 VAL B CG2 1 
ATOM   504 N N   . ASN B 2 5  ? -2.879  -9.728  -6.976  1.00 29.92 ? 703 ASN B N   1 
ATOM   505 C CA  . ASN B 2 5  ? -3.752  -9.857  -8.125  1.00 32.38 ? 703 ASN B CA  1 
ATOM   506 C C   . ASN B 2 5  ? -4.152  -8.498  -8.692  1.00 33.27 ? 703 ASN B C   1 
ATOM   507 O O   . ASN B 2 5  ? -4.925  -7.757  -8.075  1.00 32.86 ? 703 ASN B O   1 
ATOM   508 C CB  . ASN B 2 5  ? -5.006  -10.675 -7.775  1.00 33.46 ? 703 ASN B CB  1 
ATOM   509 C CG  . ASN B 2 5  ? -5.851  -11.012 -9.022  1.00 36.61 ? 703 ASN B CG  1 
ATOM   510 O OD1 . ASN B 2 5  ? -6.286  -10.115 -9.760  1.00 39.67 ? 703 ASN B OD1 1 
ATOM   511 N ND2 . ASN B 2 5  ? -6.055  -12.311 -9.275  1.00 42.26 ? 703 ASN B ND2 1 
ATOM   512 N N   . ARG B 2 6  ? -3.639  -8.165  -9.874  1.00 34.29 ? 704 ARG B N   1 
ATOM   513 C CA  . ARG B 2 6  ? -3.859  -6.829  -10.447 1.00 35.21 ? 704 ARG B CA  1 
ATOM   514 C C   . ARG B 2 6  ? -5.096  -6.778  -11.321 1.00 38.03 ? 704 ARG B C   1 
ATOM   515 O O   . ARG B 2 6  ? -5.595  -5.697  -11.670 1.00 37.40 ? 704 ARG B O   1 
ATOM   516 C CB  . ARG B 2 6  ? -2.658  -6.380  -11.244 1.00 34.31 ? 704 ARG B CB  1 
ATOM   517 C CG  . ARG B 2 6  ? -1.509  -5.995  -10.368 1.00 27.91 ? 704 ARG B CG  1 
ATOM   518 C CD  . ARG B 2 6  ? -0.289  -5.567  -11.133 1.00 25.59 ? 704 ARG B CD  1 
ATOM   519 N NE  . ARG B 2 6  ? 0.648   -4.981  -10.171 1.00 24.38 ? 704 ARG B NE  1 
ATOM   520 C CZ  . ARG B 2 6  ? 1.502   -5.641  -9.415  1.00 20.92 ? 704 ARG B CZ  1 
ATOM   521 N NH1 . ARG B 2 6  ? 1.625   -6.997  -9.446  1.00 21.53 ? 704 ARG B NH1 1 
ATOM   522 N NH2 . ARG B 2 6  ? 2.237   -4.944  -8.589  1.00 20.07 ? 704 ARG B NH2 1 
ATOM   523 N N   . GLU B 2 7  ? -5.601  -7.959  -11.647 1.00 40.88 ? 705 GLU B N   1 
ATOM   524 C CA  . GLU B 2 7  ? -6.794  -8.031  -12.468 1.00 44.41 ? 705 GLU B CA  1 
ATOM   525 C C   . GLU B 2 7  ? -7.923  -7.223  -11.814 1.00 44.74 ? 705 GLU B C   1 
ATOM   526 O O   . GLU B 2 7  ? -8.778  -6.704  -12.507 1.00 44.95 ? 705 GLU B O   1 
ATOM   527 C CB  . GLU B 2 7  ? -7.162  -9.489  -12.751 1.00 45.56 ? 705 GLU B CB  1 
ATOM   528 C CG  . GLU B 2 7  ? -8.453  -9.697  -13.532 1.00 50.57 ? 705 GLU B CG  1 
ATOM   529 C CD  . GLU B 2 7  ? -8.366  -10.895 -14.453 1.00 57.37 ? 705 GLU B CD  1 
ATOM   530 O OE1 . GLU B 2 7  ? -9.432  -11.396 -14.883 1.00 61.57 ? 705 GLU B OE1 1 
ATOM   531 O OE2 . GLU B 2 7  ? -7.235  -11.347 -14.760 1.00 61.29 ? 705 GLU B OE2 1 
ATOM   532 N N   . ASN B 2 8  ? -7.859  -7.032  -10.489 1.00 45.90 ? 706 ASN B N   1 
ATOM   533 C CA  . ASN B 2 8  ? -8.932  -6.346  -9.736  1.00 46.37 ? 706 ASN B CA  1 
ATOM   534 C C   . ASN B 2 8  ? -8.692  -4.921  -9.159  1.00 47.04 ? 706 ASN B C   1 
ATOM   535 O O   . ASN B 2 8  ? -9.507  -4.412  -8.359  1.00 46.73 ? 706 ASN B O   1 
ATOM   536 C CB  . ASN B 2 8  ? -9.441  -7.280  -8.630  1.00 47.30 ? 706 ASN B CB  1 
ATOM   537 C CG  . ASN B 2 8  ? -8.721  -7.074  -7.304  1.00 47.75 ? 706 ASN B CG  1 
ATOM   538 O OD1 . ASN B 2 8  ? -7.507  -7.248  -7.191  1.00 45.15 ? 706 ASN B OD1 1 
ATOM   539 N ND2 . ASN B 2 8  ? -9.481  -6.696  -6.296  1.00 50.12 ? 706 ASN B ND2 1 
ATOM   540 N N   . LYS B 2 9  ? -7.616  -4.269  -9.590  1.00 46.16 ? 707 LYS B N   1 
ATOM   541 C CA  . LYS B 2 9  ? -7.206  -2.975  -9.055  1.00 46.91 ? 707 LYS B CA  1 
ATOM   542 C C   . LYS B 2 9  ? -8.274  -1.880  -9.011  1.00 48.07 ? 707 LYS B C   1 
ATOM   543 O O   . LYS B 2 9  ? -8.989  -1.676  -9.988  1.00 50.00 ? 707 LYS B O   1 
ATOM   544 C CB  . LYS B 2 9  ? -6.014  -2.457  -9.839  1.00 46.20 ? 707 LYS B CB  1 
ATOM   545 C CG  . LYS B 2 9  ? -4.761  -3.165  -9.484  1.00 41.66 ? 707 LYS B CG  1 
ATOM   546 C CD  . LYS B 2 9  ? -3.595  -2.637  -10.246 1.00 36.89 ? 707 LYS B CD  1 
ATOM   547 C CE  . LYS B 2 9  ? -3.372  -1.133  -10.102 1.00 33.47 ? 707 LYS B CE  1 
ATOM   548 N NZ  . LYS B 2 9  ? -2.130  -0.918  -10.851 1.00 32.71 ? 707 LYS B NZ  1 
HETATM 549 P P   . PO4 C 3 .  ? -4.262  -5.468  11.225  1.00 23.46 ? 101 PO4 A P   1 
HETATM 550 O O1  . PO4 C 3 .  ? -4.297  -4.018  10.786  1.00 24.15 ? 101 PO4 A O1  1 
HETATM 551 O O2  . PO4 C 3 .  ? -5.318  -6.415  10.773  1.00 24.28 ? 101 PO4 A O2  1 
HETATM 552 O O3  . PO4 C 3 .  ? -4.434  -5.425  12.746  1.00 27.02 ? 101 PO4 A O3  1 
HETATM 553 O O4  . PO4 C 3 .  ? -2.943  -6.220  11.042  1.00 22.42 ? 101 PO4 A O4  1 
HETATM 554 O O   . HOH D 4 .  ? 6.392   3.237   2.758   1.00 19.29 ? 1   HOH A O   1 
HETATM 555 O O   . HOH D 4 .  ? -4.269  -5.100  6.084   1.00 21.23 ? 3   HOH A O   1 
HETATM 556 O O   . HOH D 4 .  ? -9.078  2.304   -2.513  1.00 24.50 ? 4   HOH A O   1 
HETATM 557 O O   . HOH D 4 .  ? -6.167  -0.738  8.009   1.00 23.15 ? 5   HOH A O   1 
HETATM 558 O O   . HOH D 4 .  ? 7.464   -6.400  -5.174  1.00 28.19 ? 8   HOH A O   1 
HETATM 559 O O   . HOH D 4 .  ? -4.885  -3.202  8.053   1.00 26.97 ? 9   HOH A O   1 
HETATM 560 O O   . HOH D 4 .  ? 6.336   -6.107  -7.818  1.00 27.27 ? 10  HOH A O   1 
HETATM 561 O O   . HOH D 4 .  ? 9.919   -2.647  -3.112  1.00 28.15 ? 11  HOH A O   1 
HETATM 562 O O   . HOH D 4 .  ? -9.657  4.218   -4.583  1.00 28.67 ? 12  HOH A O   1 
HETATM 563 O O   . HOH D 4 .  ? 6.476   -8.009  -3.163  1.00 27.89 ? 13  HOH A O   1 
HETATM 564 O O   . HOH D 4 .  ? 8.223   5.199   6.268   1.00 29.67 ? 14  HOH A O   1 
HETATM 565 O O   . HOH D 4 .  ? 13.387  -4.000  2.675   1.00 27.47 ? 15  HOH A O   1 
HETATM 566 O O   . HOH D 4 .  ? -2.291  -7.114  8.494   1.00 26.28 ? 16  HOH A O   1 
HETATM 567 O O   . HOH D 4 .  ? 6.059   -9.634  7.639   1.00 29.04 ? 17  HOH A O   1 
HETATM 568 O O   . HOH D 4 .  ? -2.371  -8.989  -2.316  1.00 28.09 ? 18  HOH A O   1 
HETATM 569 O O   . HOH D 4 .  ? 7.724   5.606   13.134  1.00 27.51 ? 19  HOH A O   1 
HETATM 570 O O   . HOH D 4 .  ? 13.125  -2.444  4.987   1.00 28.55 ? 20  HOH A O   1 
HETATM 571 O O   . HOH D 4 .  ? -3.001  6.603   12.050  1.00 32.55 ? 21  HOH A O   1 
HETATM 572 O O   . HOH D 4 .  ? -1.350  9.312   -7.412  1.00 32.66 ? 22  HOH A O   1 
HETATM 573 O O   . HOH D 4 .  ? 3.375   5.892   -8.055  1.00 30.41 ? 23  HOH A O   1 
HETATM 574 O O   . HOH D 4 .  ? -5.173  -6.887  -0.736  1.00 31.12 ? 24  HOH A O   1 
HETATM 575 O O   . HOH D 4 .  ? 8.571   -9.573  4.751   1.00 33.01 ? 25  HOH A O   1 
HETATM 576 O O   . HOH D 4 .  ? -2.852  5.546   -8.126  1.00 31.84 ? 26  HOH A O   1 
HETATM 577 O O   . HOH D 4 .  ? -1.218  -10.189 5.078   1.00 35.17 ? 27  HOH A O   1 
HETATM 578 O O   . HOH D 4 .  ? -1.159  2.970   -14.057 1.00 35.39 ? 28  HOH A O   1 
HETATM 579 O O   . HOH D 4 .  ? 9.640   1.830   -7.870  1.00 36.64 ? 29  HOH A O   1 
HETATM 580 O O   . HOH D 4 .  ? 6.311   4.700   -5.670  1.00 38.36 ? 31  HOH A O   1 
HETATM 581 O O   . HOH D 4 .  ? -4.935  2.794   10.325  1.00 33.68 ? 32  HOH A O   1 
HETATM 582 O O   . HOH D 4 .  ? -1.569  7.934   -11.417 1.00 37.60 ? 33  HOH A O   1 
HETATM 583 O O   . HOH D 4 .  ? 5.636   12.084  -0.816  1.00 35.30 ? 34  HOH A O   1 
HETATM 584 O O   . HOH D 4 .  ? 5.073   6.912   -6.435  1.00 36.92 ? 35  HOH A O   1 
HETATM 585 O O   . HOH D 4 .  ? 3.572   8.448   5.474   1.00 42.27 ? 36  HOH A O   1 
HETATM 586 O O   . HOH D 4 .  ? -1.465  13.675  1.562   1.00 38.84 ? 38  HOH A O   1 
HETATM 587 O O   . HOH D 4 .  ? 10.831  12.457  -0.390  1.00 37.08 ? 39  HOH A O   1 
HETATM 588 O O   . HOH D 4 .  ? 14.015  -4.402  6.699   1.00 39.77 ? 40  HOH A O   1 
HETATM 589 O O   . HOH D 4 .  ? 12.645  -0.254  -5.115  1.00 39.91 ? 41  HOH A O   1 
HETATM 590 O O   . HOH D 4 .  ? 10.032  12.203  -2.890  1.00 39.17 ? 42  HOH A O   1 
HETATM 591 O O   . HOH D 4 .  ? 0.893   -4.598  -15.284 1.00 51.88 ? 44  HOH A O   1 
HETATM 592 O O   . HOH D 4 .  ? 0.426   -8.178  11.915  1.00 47.55 ? 45  HOH A O   1 
HETATM 593 O O   . HOH D 4 .  ? 5.135   3.284   15.633  1.00 47.59 ? 47  HOH A O   1 
HETATM 594 O O   . HOH D 4 .  ? 11.314  3.599   -6.138  1.00 42.93 ? 48  HOH A O   1 
HETATM 595 O O   . HOH D 4 .  ? 4.346   -3.401  12.151  1.00 38.77 ? 49  HOH A O   1 
HETATM 596 O O   . HOH D 4 .  ? 6.702   -4.390  9.721   1.00 45.26 ? 50  HOH A O   1 
HETATM 597 O O   . HOH D 4 .  ? 0.786   15.971  5.850   1.00 44.12 ? 51  HOH A O   1 
HETATM 598 O O   . HOH D 4 .  ? -8.827  6.484   7.895   1.00 56.21 ? 52  HOH A O   1 
HETATM 599 O O   . HOH D 4 .  ? 4.223   -11.069 8.929   1.00 41.29 ? 53  HOH A O   1 
HETATM 600 O O   . HOH D 4 .  ? 1.692   6.702   -8.590  1.00 40.10 ? 54  HOH A O   1 
HETATM 601 O O   . HOH D 4 .  ? 12.130  -4.672  -5.967  1.00 44.03 ? 55  HOH A O   1 
HETATM 602 O O   . HOH D 4 .  ? -2.250  -8.523  12.004  1.00 45.86 ? 56  HOH A O   1 
HETATM 603 O O   . HOH D 4 .  ? 9.114   0.385   -10.102 1.00 42.62 ? 57  HOH A O   1 
HETATM 604 O O   . HOH D 4 .  ? 2.280   18.668  3.228   1.00 42.21 ? 58  HOH A O   1 
HETATM 605 O O   . HOH D 4 .  ? 3.839   10.961  4.619   1.00 44.31 ? 59  HOH A O   1 
HETATM 606 O O   . HOH D 4 .  ? -8.948  7.935   10.147  1.00 68.96 ? 60  HOH A O   1 
HETATM 607 O O   . HOH D 4 .  ? 7.591   7.546   6.476   1.00 53.71 ? 61  HOH A O   1 
HETATM 608 O O   . HOH D 4 .  ? 0.195   -4.955  -18.556 1.00 43.15 ? 62  HOH A O   1 
HETATM 609 O O   . HOH D 4 .  ? 14.556  -8.147  8.330   1.00 48.42 ? 63  HOH A O   1 
HETATM 610 O O   . HOH D 4 .  ? 5.194   3.907   -9.318  1.00 34.66 ? 64  HOH A O   1 
HETATM 611 O O   . HOH E 4 .  ? 3.848   -7.385  -7.326  1.00 22.07 ? 2   HOH B O   1 
HETATM 612 O O   . HOH E 4 .  ? 3.265   -10.927 -4.133  1.00 25.07 ? 6   HOH B O   1 
HETATM 613 O O   . HOH E 4 .  ? 4.064   -8.263  -4.802  1.00 25.89 ? 7   HOH B O   1 
HETATM 614 O O   . HOH E 4 .  ? -4.093  -8.353  -4.640  1.00 35.62 ? 30  HOH B O   1 
HETATM 615 O O   . HOH E 4 .  ? 8.565   -9.103  0.294   1.00 40.00 ? 37  HOH B O   1 
HETATM 616 O O   . HOH E 4 .  ? -3.007  -12.378 -1.246  1.00 36.67 ? 43  HOH B O   1 
HETATM 617 O O   . HOH E 4 .  ? -10.576 -5.000  -5.781  1.00 42.98 ? 46  HOH B O   1 
# 
